data_7UXU
#
_entry.id   7UXU
#
_cell.length_a   1.00
_cell.length_b   1.00
_cell.length_c   1.00
_cell.angle_alpha   90.00
_cell.angle_beta   90.00
_cell.angle_gamma   90.00
#
_symmetry.space_group_name_H-M   'P 1'
#
loop_
_entity.id
_entity.type
_entity.pdbx_description
1 polymer 'Molecular chaperone Tir'
2 non-polymer '[[(2~{R},3~{S},4~{R},5~{R})-5-(6-aminopurin-9-yl)-3,4-bis(oxidanyl)oxolan-2-yl]methoxy-oxidanyl-phosphoryl] [(2~{R},3~{S},4~{R},5~{R})-5-(8-azanylisoquinolin-2-yl)-3,4-bis(oxidanyl)oxolan-2-yl]methyl hydrogen phosphate'
#
_entity_poly.entity_id   1
_entity_poly.type   'polypeptide(L)'
_entity_poly.pdbx_seq_one_letter_code
;SNAEYDLFISHASEDKEDFVRPLAETLQQLGVNVWYDEFTLKVGDSLRQKIDSGLRNSKYGTVVLSTDFIKKDWTNYELD
GLVAREMNGHKMILPIWHKITKNDVLDYSPNLADKVALNTSVNSIEEIAHQLADVIL
;
_entity_poly.pdbx_strand_id   A,B,C,D
#
loop_
_chem_comp.id
_chem_comp.type
_chem_comp.name
_chem_comp.formula
1O4 non-polymer '[[(2~{R},3~{S},4~{R},5~{R})-5-(6-aminopurin-9-yl)-3,4-bis(oxidanyl)oxolan-2-yl]methoxy-oxidanyl-phosphoryl] [(2~{R},3~{S},4~{R},5~{R})-5-(8-azanylisoquinolin-2-yl)-3,4-bis(oxidanyl)oxolan-2-yl]methyl hydrogen phosphate' 'C24 H30 N7 O13 P2 1'
#
# COMPACT_ATOMS: atom_id res chain seq x y z
N GLU A 4 -25.11 -4.34 12.89
CA GLU A 4 -25.78 -3.30 12.06
C GLU A 4 -26.60 -3.88 10.90
N TYR A 5 -25.93 -4.39 9.86
CA TYR A 5 -26.65 -4.84 8.68
C TYR A 5 -27.44 -6.11 8.97
N ASP A 6 -28.63 -6.18 8.37
CA ASP A 6 -29.45 -7.38 8.41
C ASP A 6 -29.10 -8.39 7.32
N LEU A 7 -28.85 -7.94 6.10
CA LEU A 7 -28.63 -8.84 4.97
C LEU A 7 -27.46 -8.36 4.12
N PHE A 8 -26.61 -9.30 3.71
CA PHE A 8 -25.56 -9.09 2.71
C PHE A 8 -25.99 -9.72 1.39
N ILE A 9 -25.88 -8.97 0.29
CA ILE A 9 -26.24 -9.46 -1.04
C ILE A 9 -24.98 -9.76 -1.84
N SER A 10 -24.84 -11.02 -2.28
CA SER A 10 -23.72 -11.48 -3.09
C SER A 10 -24.22 -11.86 -4.49
N HIS A 11 -23.67 -11.21 -5.53
CA HIS A 11 -24.20 -11.37 -6.88
C HIS A 11 -23.10 -11.08 -7.91
N ALA A 12 -23.32 -11.55 -9.14
CA ALA A 12 -22.48 -11.20 -10.29
C ALA A 12 -22.95 -9.91 -10.95
N SER A 13 -21.99 -9.08 -11.39
CA SER A 13 -22.30 -7.80 -12.01
C SER A 13 -23.08 -7.91 -13.33
N GLU A 14 -23.06 -9.07 -13.99
CA GLU A 14 -23.89 -9.27 -15.18
C GLU A 14 -25.39 -9.28 -14.89
N ASP A 15 -25.79 -9.44 -13.64
CA ASP A 15 -27.20 -9.57 -13.27
C ASP A 15 -27.78 -8.31 -12.64
N LYS A 16 -27.04 -7.21 -12.58
CA LYS A 16 -27.50 -6.02 -11.86
C LYS A 16 -28.82 -5.47 -12.43
N GLU A 17 -28.89 -5.26 -13.74
CA GLU A 17 -29.91 -4.34 -14.24
C GLU A 17 -31.29 -4.97 -14.37
N ASP A 18 -31.37 -6.25 -14.68
CA ASP A 18 -32.67 -6.91 -14.88
C ASP A 18 -33.19 -7.61 -13.64
N PHE A 19 -32.41 -7.69 -12.56
CA PHE A 19 -32.88 -8.40 -11.37
C PHE A 19 -32.43 -7.75 -10.06
N VAL A 20 -31.13 -7.56 -9.86
CA VAL A 20 -30.64 -7.30 -8.51
C VAL A 20 -30.88 -5.86 -8.07
N ARG A 21 -30.76 -4.88 -8.96
CA ARG A 21 -31.10 -3.51 -8.55
C ARG A 21 -32.55 -3.35 -8.13
N PRO A 22 -33.54 -3.77 -8.92
CA PRO A 22 -34.93 -3.79 -8.41
C PRO A 22 -35.15 -4.52 -7.09
N LEU A 23 -34.51 -5.66 -6.88
CA LEU A 23 -34.64 -6.39 -5.61
C LEU A 23 -34.14 -5.60 -4.40
N ALA A 24 -32.91 -5.09 -4.47
CA ALA A 24 -32.34 -4.34 -3.35
C ALA A 24 -33.12 -3.08 -3.04
N GLU A 25 -33.63 -2.40 -4.06
CA GLU A 25 -34.45 -1.20 -3.86
C GLU A 25 -35.78 -1.52 -3.17
N THR A 26 -36.43 -2.63 -3.51
CA THR A 26 -37.66 -3.02 -2.83
C THR A 26 -37.45 -3.53 -1.41
N LEU A 27 -36.34 -4.21 -1.11
CA LEU A 27 -36.04 -4.63 0.26
C LEU A 27 -35.88 -3.46 1.22
N GLN A 28 -35.14 -2.42 0.81
CA GLN A 28 -35.02 -1.22 1.64
C GLN A 28 -36.38 -0.58 1.92
N GLN A 29 -37.27 -0.58 0.93
CA GLN A 29 -38.60 -0.01 1.14
C GLN A 29 -39.40 -0.78 2.17
N LEU A 30 -39.17 -2.08 2.33
CA LEU A 30 -39.78 -2.83 3.43
C LEU A 30 -39.12 -2.56 4.78
N GLY A 31 -37.92 -1.97 4.79
CA GLY A 31 -37.24 -1.62 6.02
C GLY A 31 -36.10 -2.52 6.46
N VAL A 32 -35.64 -3.44 5.62
CA VAL A 32 -34.43 -4.19 5.89
C VAL A 32 -33.22 -3.30 5.70
N ASN A 33 -32.26 -3.36 6.62
CA ASN A 33 -30.98 -2.68 6.48
C ASN A 33 -30.00 -3.60 5.75
N VAL A 34 -29.60 -3.22 4.53
CA VAL A 34 -28.97 -4.11 3.57
C VAL A 34 -27.57 -3.61 3.26
N TRP A 35 -26.63 -4.54 3.05
CA TRP A 35 -25.30 -4.25 2.54
C TRP A 35 -25.29 -4.51 1.03
N TYR A 36 -25.14 -3.43 0.25
CA TYR A 36 -25.08 -3.49 -1.21
C TYR A 36 -23.96 -2.59 -1.69
N ASP A 37 -23.18 -3.08 -2.65
CA ASP A 37 -21.90 -2.46 -3.02
C ASP A 37 -22.06 -1.05 -3.60
N GLU A 38 -23.11 -0.82 -4.38
CA GLU A 38 -23.36 0.53 -4.89
C GLU A 38 -23.75 1.53 -3.80
N PHE A 39 -24.18 1.05 -2.63
CA PHE A 39 -24.51 1.94 -1.52
C PHE A 39 -23.36 2.16 -0.54
N THR A 40 -22.40 1.25 -0.46
CA THR A 40 -21.39 1.26 0.59
C THR A 40 -19.98 1.66 0.14
N LEU A 41 -19.50 1.18 -1.00
CA LEU A 41 -18.11 1.41 -1.39
C LEU A 41 -17.91 2.78 -2.02
N LYS A 42 -16.81 3.43 -1.67
CA LYS A 42 -16.49 4.77 -2.17
C LYS A 42 -15.03 4.87 -2.52
N VAL A 43 -14.70 5.91 -3.31
CA VAL A 43 -13.33 6.15 -3.77
C VAL A 43 -12.36 6.17 -2.60
N GLY A 44 -11.25 5.46 -2.76
CA GLY A 44 -10.22 5.30 -1.74
C GLY A 44 -10.40 4.19 -0.74
N ASP A 45 -11.56 3.52 -0.72
CA ASP A 45 -11.74 2.38 0.17
C ASP A 45 -10.88 1.19 -0.25
N SER A 46 -10.42 0.43 0.74
CA SER A 46 -9.86 -0.91 0.49
C SER A 46 -10.99 -1.91 0.27
N LEU A 47 -10.98 -2.56 -0.91
CA LEU A 47 -11.95 -3.60 -1.21
C LEU A 47 -11.92 -4.76 -0.22
N ARG A 48 -10.73 -5.29 0.06
CA ARG A 48 -10.60 -6.40 1.00
C ARG A 48 -11.19 -6.09 2.36
N GLN A 49 -10.76 -4.99 2.99
CA GLN A 49 -11.14 -4.70 4.37
C GLN A 49 -12.59 -4.29 4.52
N LYS A 50 -13.19 -3.65 3.51
CA LYS A 50 -14.62 -3.34 3.55
C LYS A 50 -15.51 -4.56 3.36
N ILE A 51 -15.15 -5.45 2.45
CA ILE A 51 -15.92 -6.68 2.26
C ILE A 51 -15.85 -7.58 3.49
N ASP A 52 -14.66 -7.74 4.08
CA ASP A 52 -14.53 -8.59 5.27
C ASP A 52 -15.40 -8.14 6.44
N SER A 53 -15.44 -6.84 6.73
CA SER A 53 -16.30 -6.34 7.79
C SER A 53 -17.79 -6.35 7.44
N GLY A 54 -18.15 -6.31 6.16
CA GLY A 54 -19.54 -6.55 5.78
C GLY A 54 -20.01 -7.97 6.01
N LEU A 55 -19.18 -8.95 5.66
CA LEU A 55 -19.51 -10.35 5.90
C LEU A 55 -19.64 -10.66 7.40
N ARG A 56 -18.75 -10.11 8.22
CA ARG A 56 -18.72 -10.42 9.64
C ARG A 56 -19.82 -9.76 10.46
N ASN A 57 -20.41 -8.66 9.99
CA ASN A 57 -21.38 -7.89 10.77
C ASN A 57 -22.82 -8.00 10.28
N SER A 58 -23.12 -8.95 9.39
CA SER A 58 -24.48 -9.14 8.89
C SER A 58 -25.12 -10.37 9.52
N LYS A 59 -26.41 -10.25 9.87
CA LYS A 59 -27.17 -11.37 10.39
C LYS A 59 -27.38 -12.48 9.37
N TYR A 60 -27.71 -12.12 8.13
CA TYR A 60 -27.99 -13.08 7.07
C TYR A 60 -27.23 -12.73 5.79
N GLY A 61 -27.14 -13.72 4.90
CA GLY A 61 -26.56 -13.53 3.58
C GLY A 61 -27.36 -14.23 2.50
N THR A 62 -27.55 -13.58 1.35
CA THR A 62 -28.22 -14.16 0.20
C THR A 62 -27.27 -14.24 -0.99
N VAL A 63 -27.40 -15.31 -1.76
CA VAL A 63 -26.52 -15.61 -2.88
C VAL A 63 -27.39 -15.88 -4.10
N VAL A 64 -27.09 -15.19 -5.21
CA VAL A 64 -27.87 -15.29 -6.44
C VAL A 64 -27.11 -16.20 -7.39
N LEU A 65 -27.46 -17.49 -7.37
CA LEU A 65 -26.82 -18.50 -8.21
C LEU A 65 -27.19 -18.35 -9.67
N SER A 66 -26.17 -18.38 -10.53
CA SER A 66 -26.28 -17.98 -11.92
C SER A 66 -25.07 -18.53 -12.66
N THR A 67 -25.20 -18.66 -13.98
CA THR A 67 -24.10 -19.19 -14.79
C THR A 67 -22.84 -18.33 -14.68
N ASP A 68 -23.01 -17.01 -14.60
CA ASP A 68 -21.86 -16.11 -14.45
C ASP A 68 -21.32 -16.09 -13.02
N PHE A 69 -22.18 -16.32 -12.03
CA PHE A 69 -21.73 -16.37 -10.64
C PHE A 69 -20.70 -17.46 -10.43
N ILE A 70 -20.90 -18.62 -11.06
CA ILE A 70 -20.04 -19.78 -10.85
C ILE A 70 -18.62 -19.53 -11.34
N LYS A 71 -18.46 -18.83 -12.47
CA LYS A 71 -17.15 -18.65 -13.08
C LYS A 71 -16.25 -17.63 -12.37
N LYS A 72 -16.81 -16.54 -11.86
CA LYS A 72 -16.02 -15.38 -11.46
C LYS A 72 -15.34 -15.57 -10.10
N ASP A 73 -14.33 -14.72 -9.84
CA ASP A 73 -13.48 -14.81 -8.65
C ASP A 73 -14.10 -14.23 -7.40
N TRP A 74 -14.54 -12.97 -7.44
CA TRP A 74 -15.05 -12.32 -6.22
C TRP A 74 -16.33 -12.97 -5.69
N THR A 75 -17.14 -13.56 -6.56
CA THR A 75 -18.32 -14.30 -6.10
C THR A 75 -17.96 -15.53 -5.28
N ASN A 76 -16.94 -16.28 -5.70
CA ASN A 76 -16.46 -17.41 -4.90
C ASN A 76 -15.73 -17.00 -3.62
N TYR A 77 -15.06 -15.85 -3.61
CA TYR A 77 -14.49 -15.30 -2.39
C TYR A 77 -15.53 -15.09 -1.29
N GLU A 78 -16.67 -14.48 -1.63
CA GLU A 78 -17.73 -14.22 -0.66
C GLU A 78 -18.40 -15.48 -0.13
N LEU A 79 -18.64 -16.48 -0.99
CA LEU A 79 -19.27 -17.71 -0.53
C LEU A 79 -18.38 -18.56 0.36
N ASP A 80 -17.05 -18.50 0.17
CA ASP A 80 -16.12 -19.11 1.13
C ASP A 80 -16.32 -18.58 2.55
N GLY A 81 -16.46 -17.26 2.70
CA GLY A 81 -16.59 -16.66 4.02
C GLY A 81 -17.91 -16.93 4.70
N LEU A 82 -19.00 -16.98 3.94
CA LEU A 82 -20.31 -17.34 4.49
C LEU A 82 -20.35 -18.77 5.04
N VAL A 83 -19.82 -19.73 4.30
CA VAL A 83 -19.79 -21.12 4.77
C VAL A 83 -18.87 -21.28 5.98
N ALA A 84 -17.74 -20.58 6.01
CA ALA A 84 -16.86 -20.64 7.18
C ALA A 84 -17.55 -20.20 8.47
N ARG A 85 -18.35 -19.14 8.40
CA ARG A 85 -19.07 -18.68 9.58
C ARG A 85 -20.23 -19.60 9.96
N GLU A 86 -20.89 -20.18 8.96
CA GLU A 86 -21.93 -21.19 9.20
C GLU A 86 -21.40 -22.48 9.81
N MET A 87 -20.21 -22.93 9.42
CA MET A 87 -19.57 -24.10 10.06
C MET A 87 -19.04 -23.83 11.45
N ASN A 88 -19.15 -22.61 11.98
CA ASN A 88 -18.88 -22.32 13.38
C ASN A 88 -20.15 -22.27 14.21
N GLY A 89 -21.31 -22.54 13.62
CA GLY A 89 -22.56 -22.67 14.35
C GLY A 89 -23.61 -21.60 14.10
N HIS A 90 -23.41 -20.70 13.14
CA HIS A 90 -24.31 -19.58 12.87
C HIS A 90 -24.93 -19.72 11.47
N LYS A 91 -26.20 -20.15 11.41
CA LYS A 91 -26.88 -20.34 10.13
C LYS A 91 -27.20 -19.00 9.46
N MET A 92 -26.91 -18.91 8.14
CA MET A 92 -27.00 -17.63 7.44
C MET A 92 -27.64 -17.66 6.05
N ILE A 93 -27.34 -18.68 5.26
CA ILE A 93 -27.45 -18.61 3.79
C ILE A 93 -28.91 -18.78 3.33
N LEU A 94 -29.36 -17.85 2.49
CA LEU A 94 -30.69 -17.86 1.85
C LEU A 94 -30.57 -17.87 0.33
N PRO A 95 -30.60 -19.03 -0.33
CA PRO A 95 -30.29 -19.11 -1.78
C PRO A 95 -31.42 -18.77 -2.75
N ILE A 96 -31.01 -18.23 -3.90
CA ILE A 96 -31.89 -17.92 -5.05
C ILE A 96 -31.31 -18.56 -6.30
N TRP A 97 -32.17 -19.15 -7.13
CA TRP A 97 -31.79 -19.76 -8.41
C TRP A 97 -32.27 -18.88 -9.56
N HIS A 98 -31.35 -18.41 -10.40
CA HIS A 98 -31.66 -17.49 -11.49
C HIS A 98 -31.16 -18.06 -12.83
N LYS A 99 -32.10 -18.35 -13.72
CA LYS A 99 -31.81 -18.95 -15.04
C LYS A 99 -30.98 -20.24 -14.96
N ILE A 100 -31.17 -21.05 -13.92
CA ILE A 100 -30.32 -22.23 -13.71
C ILE A 100 -31.20 -23.36 -13.20
N THR A 101 -30.82 -24.59 -13.57
CA THR A 101 -31.58 -25.79 -13.22
C THR A 101 -30.94 -26.54 -12.06
N LYS A 102 -31.69 -27.50 -11.52
CA LYS A 102 -31.21 -28.36 -10.44
C LYS A 102 -29.94 -29.11 -10.81
N ASN A 103 -29.85 -29.62 -12.03
CA ASN A 103 -28.65 -30.36 -12.44
C ASN A 103 -27.41 -29.49 -12.47
N ASP A 104 -27.54 -28.24 -12.92
CA ASP A 104 -26.40 -27.32 -12.91
C ASP A 104 -25.94 -26.96 -11.50
N VAL A 105 -26.88 -26.79 -10.57
CA VAL A 105 -26.53 -26.57 -9.17
C VAL A 105 -25.87 -27.79 -8.54
N LEU A 106 -26.41 -28.99 -8.81
CA LEU A 106 -25.83 -30.23 -8.29
C LEU A 106 -24.43 -30.50 -8.83
N ASP A 107 -24.15 -30.10 -10.07
CA ASP A 107 -22.78 -30.16 -10.59
C ASP A 107 -21.85 -29.13 -9.97
N TYR A 108 -22.38 -28.02 -9.47
CA TYR A 108 -21.53 -27.03 -8.80
C TYR A 108 -21.26 -27.40 -7.34
N SER A 109 -22.31 -27.68 -6.56
CA SER A 109 -22.10 -28.31 -5.26
C SER A 109 -23.34 -29.09 -4.83
N PRO A 110 -23.19 -30.37 -4.46
CA PRO A 110 -24.35 -31.14 -3.98
C PRO A 110 -24.90 -30.71 -2.63
N ASN A 111 -24.17 -29.94 -1.83
CA ASN A 111 -24.71 -29.45 -0.56
C ASN A 111 -25.68 -28.28 -0.71
N LEU A 112 -25.51 -27.42 -1.72
CA LEU A 112 -26.50 -26.37 -1.97
C LEU A 112 -27.78 -26.92 -2.60
N ALA A 113 -27.70 -28.02 -3.33
CA ALA A 113 -28.89 -28.68 -3.86
C ALA A 113 -29.78 -29.26 -2.77
N ASP A 114 -29.31 -29.36 -1.53
CA ASP A 114 -30.11 -29.80 -0.40
C ASP A 114 -30.90 -28.66 0.26
N LYS A 115 -30.56 -27.41 0.01
CA LYS A 115 -31.18 -26.25 0.66
C LYS A 115 -32.32 -25.70 -0.20
N VAL A 116 -33.43 -25.37 0.45
CA VAL A 116 -34.59 -24.81 -0.24
C VAL A 116 -34.29 -23.42 -0.78
N ALA A 117 -34.64 -23.18 -2.04
CA ALA A 117 -34.29 -21.96 -2.75
C ALA A 117 -35.54 -21.32 -3.37
N LEU A 118 -35.41 -20.04 -3.73
CA LEU A 118 -36.43 -19.32 -4.50
C LEU A 118 -36.01 -19.27 -5.96
N ASN A 119 -36.93 -19.64 -6.86
CA ASN A 119 -36.66 -19.75 -8.29
C ASN A 119 -37.33 -18.60 -9.03
N THR A 120 -36.55 -17.82 -9.78
CA THR A 120 -37.05 -16.64 -10.46
C THR A 120 -37.94 -16.95 -11.67
N SER A 121 -37.97 -18.19 -12.13
CA SER A 121 -38.93 -18.61 -13.15
C SER A 121 -40.31 -18.92 -12.58
N VAL A 122 -40.46 -18.92 -11.25
CA VAL A 122 -41.71 -19.28 -10.59
C VAL A 122 -42.25 -18.08 -9.82
N ASN A 123 -41.37 -17.24 -9.28
CA ASN A 123 -41.76 -16.08 -8.48
C ASN A 123 -41.23 -14.79 -9.08
N SER A 124 -42.00 -13.72 -8.89
CA SER A 124 -41.62 -12.38 -9.30
C SER A 124 -40.71 -11.71 -8.26
N ILE A 125 -40.23 -10.51 -8.60
CA ILE A 125 -39.30 -9.79 -7.74
C ILE A 125 -39.94 -9.45 -6.39
N GLU A 126 -41.12 -8.82 -6.40
CA GLU A 126 -41.78 -8.47 -5.15
C GLU A 126 -42.30 -9.67 -4.40
N GLU A 127 -42.64 -10.74 -5.11
CA GLU A 127 -43.02 -11.99 -4.45
C GLU A 127 -41.84 -12.64 -3.74
N ILE A 128 -40.65 -12.56 -4.32
CA ILE A 128 -39.41 -12.98 -3.65
C ILE A 128 -39.05 -12.06 -2.48
N ALA A 129 -39.18 -10.74 -2.66
CA ALA A 129 -38.85 -9.81 -1.59
C ALA A 129 -39.72 -9.98 -0.35
N HIS A 130 -41.01 -10.23 -0.53
CA HIS A 130 -41.89 -10.52 0.60
C HIS A 130 -41.48 -11.79 1.34
N GLN A 131 -41.06 -12.82 0.61
CA GLN A 131 -40.60 -14.05 1.24
C GLN A 131 -39.36 -13.86 2.10
N LEU A 132 -38.38 -13.08 1.63
CA LEU A 132 -37.17 -12.86 2.41
C LEU A 132 -37.42 -12.09 3.71
N ALA A 133 -38.17 -10.99 3.63
CA ALA A 133 -38.43 -10.17 4.81
C ALA A 133 -39.16 -10.93 5.92
N ASP A 134 -39.98 -11.91 5.58
CA ASP A 134 -40.63 -12.72 6.61
C ASP A 134 -39.65 -13.54 7.45
N VAL A 135 -38.49 -13.90 6.90
CA VAL A 135 -37.47 -14.58 7.71
C VAL A 135 -36.64 -13.56 8.49
N ILE A 136 -36.17 -12.50 7.81
CA ILE A 136 -35.22 -11.59 8.44
C ILE A 136 -35.87 -10.83 9.59
N LEU A 137 -37.05 -10.28 9.35
CA LEU A 137 -37.69 -9.42 10.34
C LEU A 137 -38.38 -10.26 11.42
N GLU B 4 -4.17 24.23 6.11
CA GLU B 4 -4.76 25.14 5.08
C GLU B 4 -5.41 24.41 3.92
N TYR B 5 -4.61 23.76 3.08
CA TYR B 5 -5.16 23.17 1.86
C TYR B 5 -5.99 21.94 2.18
N ASP B 6 -7.08 21.76 1.42
CA ASP B 6 -7.88 20.54 1.48
C ASP B 6 -7.32 19.42 0.61
N LEU B 7 -6.89 19.73 -0.61
CA LEU B 7 -6.48 18.70 -1.57
C LEU B 7 -5.19 19.10 -2.27
N PHE B 8 -4.28 18.14 -2.39
CA PHE B 8 -3.09 18.24 -3.23
C PHE B 8 -3.29 17.42 -4.51
N ILE B 9 -3.01 18.02 -5.66
CA ILE B 9 -3.16 17.35 -6.96
C ILE B 9 -1.78 16.96 -7.50
N SER B 10 -1.57 15.67 -7.74
CA SER B 10 -0.35 15.13 -8.33
C SER B 10 -0.63 14.57 -9.72
N HIS B 11 0.07 15.08 -10.74
CA HIS B 11 -0.24 14.74 -12.13
C HIS B 11 1.01 14.91 -13.00
N ALA B 12 1.00 14.27 -14.17
CA ALA B 12 2.00 14.49 -15.20
C ALA B 12 1.64 15.66 -16.11
N SER B 13 2.64 16.46 -16.48
CA SER B 13 2.44 17.65 -17.29
C SER B 13 1.89 17.36 -18.69
N GLU B 14 2.01 16.14 -19.20
CA GLU B 14 1.39 15.78 -20.47
C GLU B 14 -0.12 15.76 -20.43
N ASP B 15 -0.73 15.75 -19.25
CA ASP B 15 -2.18 15.62 -19.08
C ASP B 15 -2.87 16.92 -18.70
N LYS B 16 -2.15 18.05 -18.66
CA LYS B 16 -2.74 19.29 -18.19
C LYS B 16 -3.94 19.72 -19.03
N GLU B 17 -3.80 19.81 -20.36
CA GLU B 17 -4.75 20.62 -21.12
C GLU B 17 -6.08 19.92 -21.40
N ASP B 18 -6.08 18.61 -21.58
CA ASP B 18 -7.32 17.89 -21.87
C ASP B 18 -8.03 17.36 -20.64
N PHE B 19 -7.41 17.41 -19.47
CA PHE B 19 -8.06 16.85 -18.28
C PHE B 19 -7.83 17.67 -17.01
N VAL B 20 -6.58 17.90 -16.61
CA VAL B 20 -6.31 18.36 -15.25
C VAL B 20 -6.63 19.84 -15.07
N ARG B 21 -6.36 20.69 -16.05
CA ARG B 21 -6.73 22.10 -15.89
C ARG B 21 -8.23 22.30 -15.71
N PRO B 22 -9.09 21.75 -16.57
CA PRO B 22 -10.53 21.78 -16.30
C PRO B 22 -10.97 21.22 -14.94
N LEU B 23 -10.37 20.13 -14.48
CA LEU B 23 -10.70 19.57 -13.16
C LEU B 23 -10.41 20.53 -12.01
N ALA B 24 -9.19 21.05 -11.94
CA ALA B 24 -8.82 21.97 -10.86
C ALA B 24 -9.68 23.23 -10.83
N GLU B 25 -9.99 23.77 -12.01
CA GLU B 25 -10.87 24.94 -12.11
C GLU B 25 -12.28 24.68 -11.56
N THR B 26 -12.85 23.50 -11.85
CA THR B 26 -14.17 23.18 -11.32
C THR B 26 -14.18 22.87 -9.83
N LEU B 27 -13.12 22.28 -9.28
CA LEU B 27 -13.05 22.05 -7.83
C LEU B 27 -13.03 23.35 -7.02
N GLN B 28 -12.27 24.35 -7.45
CA GLN B 28 -12.31 25.65 -6.79
C GLN B 28 -13.70 26.27 -6.82
N GLN B 29 -14.41 26.13 -7.95
CA GLN B 29 -15.77 26.66 -8.03
C GLN B 29 -16.73 25.97 -7.06
N LEU B 30 -16.49 24.70 -6.73
CA LEU B 30 -17.25 24.07 -5.65
C LEU B 30 -16.82 24.53 -4.27
N GLY B 31 -15.65 25.17 -4.14
CA GLY B 31 -15.20 25.71 -2.87
C GLY B 31 -14.14 24.91 -2.13
N VAL B 32 -13.52 23.91 -2.75
CA VAL B 32 -12.37 23.24 -2.17
C VAL B 32 -11.15 24.13 -2.28
N ASN B 33 -10.36 24.21 -1.21
CA ASN B 33 -9.06 24.90 -1.23
C ASN B 33 -7.99 23.91 -1.68
N VAL B 34 -7.41 24.17 -2.85
CA VAL B 34 -6.63 23.17 -3.60
C VAL B 34 -5.19 23.65 -3.75
N TRP B 35 -4.25 22.71 -3.69
CA TRP B 35 -2.84 22.96 -4.03
C TRP B 35 -2.59 22.52 -5.47
N TYR B 36 -2.29 23.49 -6.33
CA TYR B 36 -2.00 23.24 -7.74
C TYR B 36 -0.83 24.13 -8.17
N ASP B 37 0.09 23.53 -8.93
CA ASP B 37 1.41 24.14 -9.17
C ASP B 37 1.34 25.45 -9.95
N GLU B 38 0.39 25.58 -10.89
CA GLU B 38 0.22 26.84 -11.60
C GLU B 38 -0.33 27.96 -10.73
N PHE B 39 -0.93 27.64 -9.58
CA PHE B 39 -1.43 28.64 -8.66
C PHE B 39 -0.45 29.01 -7.56
N THR B 40 0.44 28.10 -7.17
CA THR B 40 1.29 28.29 -5.98
C THR B 40 2.73 28.68 -6.28
N LEU B 41 3.39 28.06 -7.26
CA LEU B 41 4.83 28.26 -7.47
C LEU B 41 5.11 29.54 -8.26
N LYS B 42 6.11 30.29 -7.80
CA LYS B 42 6.47 31.56 -8.40
C LYS B 42 7.99 31.68 -8.53
N VAL B 43 8.42 32.65 -9.34
CA VAL B 43 9.83 32.85 -9.64
C VAL B 43 10.64 33.05 -8.36
N GLY B 44 11.74 32.31 -8.26
CA GLY B 44 12.63 32.32 -7.11
C GLY B 44 12.31 31.34 -5.99
N ASP B 45 11.21 30.61 -6.07
CA ASP B 45 10.90 29.61 -5.05
C ASP B 45 11.81 28.39 -5.18
N SER B 46 12.12 27.78 -4.04
CA SER B 46 12.71 26.44 -4.02
C SER B 46 11.64 25.40 -4.29
N LEU B 47 11.84 24.58 -5.32
CA LEU B 47 10.93 23.48 -5.62
C LEU B 47 10.84 22.45 -4.50
N ARG B 48 11.99 22.05 -3.96
CA ARG B 48 12.03 21.07 -2.88
C ARG B 48 11.20 21.52 -1.67
N GLN B 49 11.50 22.71 -1.14
CA GLN B 49 10.88 23.18 0.09
C GLN B 49 9.39 23.50 -0.06
N LYS B 50 8.96 24.02 -1.21
CA LYS B 50 7.55 24.30 -1.42
C LYS B 50 6.71 23.05 -1.62
N ILE B 51 7.22 22.04 -2.33
CA ILE B 51 6.50 20.79 -2.48
C ILE B 51 6.40 20.04 -1.15
N ASP B 52 7.47 20.01 -0.35
CA ASP B 52 7.44 19.33 0.94
C ASP B 52 6.39 19.90 1.89
N SER B 53 6.28 21.22 1.99
CA SER B 53 5.26 21.81 2.85
C SER B 53 3.85 21.69 2.28
N GLY B 54 3.69 21.63 0.97
CA GLY B 54 2.38 21.32 0.40
C GLY B 54 1.89 19.93 0.74
N LEU B 55 2.76 18.93 0.63
CA LEU B 55 2.41 17.55 1.01
C LEU B 55 2.05 17.43 2.48
N ARG B 56 2.78 18.12 3.35
CA ARG B 56 2.58 17.99 4.80
C ARG B 56 1.35 18.71 5.34
N ASN B 57 0.85 19.73 4.65
CA ASN B 57 -0.25 20.55 5.17
C ASN B 57 -1.58 20.33 4.47
N SER B 58 -1.74 19.27 3.69
CA SER B 58 -2.99 18.97 3.02
C SER B 58 -3.72 17.81 3.70
N LYS B 59 -5.06 17.94 3.80
CA LYS B 59 -5.89 16.87 4.34
C LYS B 59 -5.91 15.63 3.44
N TYR B 60 -6.03 15.82 2.13
CA TYR B 60 -6.14 14.73 1.17
C TYR B 60 -5.18 14.93 0.01
N GLY B 61 -4.94 13.85 -0.73
CA GLY B 61 -4.20 13.88 -1.97
C GLY B 61 -4.82 13.03 -3.06
N THR B 62 -4.80 13.51 -4.30
CA THR B 62 -5.28 12.75 -5.45
C THR B 62 -4.16 12.55 -6.46
N VAL B 63 -4.15 11.37 -7.09
CA VAL B 63 -3.09 10.96 -8.02
C VAL B 63 -3.75 10.53 -9.32
N VAL B 64 -3.32 11.12 -10.43
CA VAL B 64 -3.88 10.84 -11.76
C VAL B 64 -2.95 9.83 -12.44
N LEU B 65 -3.29 8.55 -12.29
CA LEU B 65 -2.52 7.46 -12.88
C LEU B 65 -2.65 7.40 -14.40
N SER B 66 -1.50 7.31 -15.08
CA SER B 66 -1.39 7.51 -16.50
C SER B 66 -0.08 6.89 -16.96
N THR B 67 0.01 6.59 -18.26
CA THR B 67 1.23 6.01 -18.81
C THR B 67 2.45 6.91 -18.65
N ASP B 68 2.25 8.23 -18.73
CA ASP B 68 3.35 9.17 -18.50
C ASP B 68 3.67 9.37 -17.03
N PHE B 69 2.67 9.25 -16.16
CA PHE B 69 2.89 9.38 -14.72
C PHE B 69 3.91 8.35 -14.23
N ILE B 70 3.83 7.13 -14.74
CA ILE B 70 4.65 6.02 -14.25
C ILE B 70 6.13 6.23 -14.56
N LYS B 71 6.45 6.80 -15.72
CA LYS B 71 7.84 6.94 -16.16
C LYS B 71 8.61 8.05 -15.46
N LYS B 72 7.95 9.17 -15.15
CA LYS B 72 8.66 10.39 -14.80
C LYS B 72 9.13 10.41 -13.33
N ASP B 73 10.04 11.33 -13.03
CA ASP B 73 10.70 11.43 -11.73
C ASP B 73 9.88 12.14 -10.66
N TRP B 74 9.44 13.37 -10.93
CA TRP B 74 8.74 14.15 -9.91
C TRP B 74 7.40 13.54 -9.49
N THR B 75 6.75 12.80 -10.39
CA THR B 75 5.51 12.11 -10.02
C THR B 75 5.74 11.00 -9.00
N ASN B 76 6.82 10.23 -9.14
CA ASN B 76 7.18 9.23 -8.15
C ASN B 76 7.67 9.83 -6.83
N TYR B 77 8.35 10.98 -6.87
CA TYR B 77 8.72 11.71 -5.66
C TYR B 77 7.51 12.04 -4.79
N GLU B 78 6.44 12.57 -5.39
CA GLU B 78 5.24 12.94 -4.65
C GLU B 78 4.50 11.74 -4.06
N LEU B 79 4.38 10.64 -4.80
CA LEU B 79 3.67 9.45 -4.31
C LEU B 79 4.41 8.75 -3.17
N ASP B 80 5.75 8.78 -3.15
CA ASP B 80 6.51 8.32 -2.00
C ASP B 80 6.14 9.04 -0.71
N GLY B 81 5.97 10.36 -0.77
CA GLY B 81 5.62 11.13 0.41
C GLY B 81 4.21 10.92 0.92
N LEU B 82 3.25 10.73 0.02
CA LEU B 82 1.88 10.40 0.39
C LEU B 82 1.76 9.06 1.11
N VAL B 83 2.43 8.03 0.61
CA VAL B 83 2.39 6.71 1.26
C VAL B 83 3.10 6.74 2.61
N ALA B 84 4.20 7.49 2.73
CA ALA B 84 4.88 7.60 4.02
C ALA B 84 3.98 8.18 5.10
N ARG B 85 3.19 9.20 4.78
CA ARG B 85 2.29 9.79 5.75
C ARG B 85 1.10 8.89 6.07
N GLU B 86 0.61 8.15 5.07
CA GLU B 86 -0.45 7.17 5.29
C GLU B 86 -0.03 5.98 6.15
N MET B 87 1.21 5.49 5.99
CA MET B 87 1.71 4.43 6.86
C MET B 87 2.04 4.89 8.28
N ASN B 88 1.82 6.15 8.62
CA ASN B 88 1.86 6.61 10.00
C ASN B 88 0.47 6.73 10.61
N GLY B 89 -0.58 6.40 9.86
CA GLY B 89 -1.93 6.31 10.39
C GLY B 89 -2.93 7.29 9.82
N HIS B 90 -2.57 8.18 8.89
CA HIS B 90 -3.46 9.19 8.34
C HIS B 90 -3.81 8.85 6.89
N LYS B 91 -5.04 8.41 6.64
CA LYS B 91 -5.48 8.04 5.30
C LYS B 91 -5.70 9.26 4.41
N MET B 92 -5.23 9.18 3.16
CA MET B 92 -5.20 10.35 2.27
C MET B 92 -5.63 10.11 0.82
N ILE B 93 -5.21 9.00 0.23
CA ILE B 93 -5.08 8.87 -1.22
C ILE B 93 -6.43 8.58 -1.88
N LEU B 94 -6.78 9.38 -2.89
CA LEU B 94 -7.98 9.22 -3.73
C LEU B 94 -7.59 9.01 -5.19
N PRO B 95 -7.55 7.78 -5.71
CA PRO B 95 -6.98 7.53 -7.04
C PRO B 95 -7.94 7.74 -8.23
N ILE B 96 -7.34 8.13 -9.36
CA ILE B 96 -8.01 8.29 -10.65
C ILE B 96 -7.24 7.51 -11.72
N TRP B 97 -7.96 6.79 -12.58
CA TRP B 97 -7.37 6.04 -13.70
C TRP B 97 -7.69 6.73 -15.03
N HIS B 98 -6.64 7.13 -15.75
CA HIS B 98 -6.78 7.87 -17.01
C HIS B 98 -6.06 7.16 -18.14
N LYS B 99 -6.83 6.73 -19.15
CA LYS B 99 -6.33 5.98 -20.31
C LYS B 99 -5.54 4.72 -19.94
N ILE B 100 -5.84 4.09 -18.81
CA ILE B 100 -5.04 2.97 -18.32
C ILE B 100 -5.99 1.88 -17.84
N THR B 101 -5.56 0.63 -17.97
CA THR B 101 -6.36 -0.52 -17.58
C THR B 101 -5.87 -1.12 -16.25
N LYS B 102 -6.72 -1.99 -15.69
CA LYS B 102 -6.41 -2.69 -14.45
C LYS B 102 -5.10 -3.48 -14.51
N ASN B 103 -4.83 -4.13 -15.64
CA ASN B 103 -3.59 -4.90 -15.79
C ASN B 103 -2.35 -4.02 -15.72
N ASP B 104 -2.39 -2.85 -16.35
CA ASP B 104 -1.27 -1.92 -16.28
C ASP B 104 -1.06 -1.35 -14.89
N VAL B 105 -2.13 -1.15 -14.12
CA VAL B 105 -1.99 -0.73 -12.72
C VAL B 105 -1.43 -1.85 -11.86
N LEU B 106 -1.92 -3.08 -12.02
CA LEU B 106 -1.42 -4.21 -11.26
C LEU B 106 0.04 -4.52 -11.56
N ASP B 107 0.52 -4.24 -12.78
CA ASP B 107 1.94 -4.36 -13.08
C ASP B 107 2.78 -3.22 -12.51
N TYR B 108 2.17 -2.08 -12.16
CA TYR B 108 2.89 -0.98 -11.53
C TYR B 108 2.94 -1.14 -10.01
N SER B 109 1.78 -1.34 -9.37
CA SER B 109 1.78 -1.76 -7.98
C SER B 109 0.49 -2.51 -7.67
N PRO B 110 0.57 -3.71 -7.08
CA PRO B 110 -0.64 -4.44 -6.71
C PRO B 110 -1.43 -3.85 -5.55
N ASN B 111 -0.83 -3.01 -4.70
CA ASN B 111 -1.57 -2.40 -3.61
C ASN B 111 -2.55 -1.32 -4.10
N LEU B 112 -2.20 -0.55 -5.13
CA LEU B 112 -3.14 0.42 -5.69
C LEU B 112 -4.31 -0.25 -6.41
N ALA B 113 -4.11 -1.44 -6.95
CA ALA B 113 -5.20 -2.19 -7.57
C ALA B 113 -6.27 -2.63 -6.57
N ASP B 114 -5.96 -2.62 -5.27
CA ASP B 114 -6.95 -2.86 -4.23
C ASP B 114 -7.83 -1.66 -3.89
N LYS B 115 -7.47 -0.46 -4.32
CA LYS B 115 -8.15 0.77 -3.91
C LYS B 115 -9.13 1.23 -4.98
N VAL B 116 -10.35 1.56 -4.57
CA VAL B 116 -11.41 1.98 -5.50
C VAL B 116 -11.06 3.30 -6.14
N ALA B 117 -11.11 3.35 -7.48
CA ALA B 117 -10.70 4.49 -8.28
C ALA B 117 -11.85 5.01 -9.15
N LEU B 118 -11.71 6.24 -9.62
CA LEU B 118 -12.59 6.83 -10.62
C LEU B 118 -11.96 6.71 -12.00
N ASN B 119 -12.72 6.19 -12.97
CA ASN B 119 -12.22 5.87 -14.30
C ASN B 119 -12.77 6.89 -15.30
N THR B 120 -11.87 7.58 -16.02
CA THR B 120 -12.27 8.65 -16.93
C THR B 120 -12.92 8.16 -18.23
N SER B 121 -12.88 6.86 -18.52
CA SER B 121 -13.67 6.31 -19.60
C SER B 121 -15.13 6.09 -19.22
N VAL B 122 -15.46 6.19 -17.94
CA VAL B 122 -16.80 5.95 -17.45
C VAL B 122 -17.47 7.22 -16.95
N ASN B 123 -16.73 8.17 -16.37
CA ASN B 123 -17.27 9.39 -15.80
C ASN B 123 -16.65 10.61 -16.47
N SER B 124 -17.44 11.68 -16.54
CA SER B 124 -17.00 12.97 -17.07
C SER B 124 -16.29 13.80 -16.00
N ILE B 125 -15.75 14.95 -16.43
CA ILE B 125 -14.98 15.81 -15.54
C ILE B 125 -15.82 16.31 -14.37
N GLU B 126 -16.99 16.88 -14.65
CA GLU B 126 -17.84 17.38 -13.57
C GLU B 126 -18.48 16.26 -12.77
N GLU B 127 -18.66 15.10 -13.36
CA GLU B 127 -19.13 13.94 -12.62
C GLU B 127 -18.08 13.39 -11.67
N ILE B 128 -16.80 13.45 -12.05
CA ILE B 128 -15.71 13.15 -11.13
C ILE B 128 -15.55 14.22 -10.05
N ALA B 129 -15.62 15.50 -10.43
CA ALA B 129 -15.48 16.59 -9.45
C ALA B 129 -16.54 16.54 -8.35
N HIS B 130 -17.79 16.23 -8.71
CA HIS B 130 -18.84 16.05 -7.70
C HIS B 130 -18.54 14.90 -6.73
N GLN B 131 -17.98 13.80 -7.24
CA GLN B 131 -17.64 12.67 -6.37
C GLN B 131 -16.55 13.01 -5.37
N LEU B 132 -15.52 13.75 -5.77
CA LEU B 132 -14.44 14.12 -4.87
C LEU B 132 -14.91 15.04 -3.73
N ALA B 133 -15.65 16.09 -4.07
CA ALA B 133 -16.10 17.05 -3.07
C ALA B 133 -17.00 16.43 -2.00
N ASP B 134 -17.76 15.39 -2.33
CA ASP B 134 -18.56 14.71 -1.31
C ASP B 134 -17.72 14.02 -0.24
N VAL B 135 -16.51 13.58 -0.57
CA VAL B 135 -15.62 13.04 0.46
C VAL B 135 -14.91 14.14 1.22
N ILE B 136 -14.37 15.13 0.50
CA ILE B 136 -13.53 16.15 1.14
C ILE B 136 -14.35 17.04 2.06
N LEU B 137 -15.49 17.51 1.58
CA LEU B 137 -16.28 18.47 2.35
C LEU B 137 -17.12 17.77 3.41
N GLU C 4 12.03 -14.15 -10.37
CA GLU C 4 13.20 -14.47 -9.52
C GLU C 4 12.84 -15.16 -8.22
N TYR C 5 12.23 -14.43 -7.29
CA TYR C 5 11.97 -14.99 -5.96
C TYR C 5 10.89 -16.05 -6.03
N ASP C 6 11.05 -17.08 -5.21
CA ASP C 6 10.02 -18.10 -5.01
C ASP C 6 9.01 -17.74 -3.93
N LEU C 7 9.43 -17.16 -2.81
CA LEU C 7 8.54 -16.91 -1.67
C LEU C 7 8.80 -15.52 -1.12
N PHE C 8 7.71 -14.81 -0.80
CA PHE C 8 7.73 -13.56 -0.04
C PHE C 8 7.24 -13.84 1.38
N ILE C 9 7.98 -13.37 2.39
CA ILE C 9 7.62 -13.55 3.80
C ILE C 9 7.08 -12.24 4.37
N SER C 10 5.83 -12.25 4.82
CA SER C 10 5.18 -11.11 5.47
C SER C 10 4.94 -11.41 6.94
N HIS C 11 5.49 -10.57 7.83
CA HIS C 11 5.48 -10.84 9.26
C HIS C 11 5.57 -9.54 10.05
N ALA C 12 5.19 -9.60 11.32
CA ALA C 12 5.41 -8.49 12.26
C ALA C 12 6.78 -8.57 12.91
N SER C 13 7.40 -7.41 13.13
CA SER C 13 8.74 -7.33 13.71
C SER C 13 8.84 -7.85 15.13
N GLU C 14 7.73 -7.95 15.87
CA GLU C 14 7.76 -8.55 17.20
C GLU C 14 8.03 -10.04 17.20
N ASP C 15 7.88 -10.72 16.06
CA ASP C 15 8.01 -12.16 15.96
C ASP C 15 9.35 -12.62 15.37
N LYS C 16 10.29 -11.71 15.12
CA LYS C 16 11.52 -12.07 14.43
C LYS C 16 12.34 -13.11 15.18
N GLU C 17 12.62 -12.89 16.46
CA GLU C 17 13.72 -13.64 17.07
C GLU C 17 13.32 -15.05 17.52
N ASP C 18 12.08 -15.27 17.92
CA ASP C 18 11.67 -16.58 18.40
C ASP C 18 11.06 -17.46 17.33
N PHE C 19 10.82 -16.94 16.12
CA PHE C 19 10.21 -17.74 15.08
C PHE C 19 10.74 -17.45 13.68
N VAL C 20 10.64 -16.19 13.22
CA VAL C 20 10.78 -15.93 11.79
C VAL C 20 12.24 -15.99 11.32
N ARG C 21 13.19 -15.50 12.12
CA ARG C 21 14.60 -15.65 11.71
C ARG C 21 15.03 -17.10 11.55
N PRO C 22 14.80 -17.98 12.52
CA PRO C 22 15.04 -19.42 12.28
C PRO C 22 14.36 -20.02 11.06
N LEU C 23 13.11 -19.65 10.80
CA LEU C 23 12.38 -20.17 9.63
C LEU C 23 13.04 -19.78 8.31
N ALA C 24 13.31 -18.49 8.11
CA ALA C 24 13.92 -18.03 6.86
C ALA C 24 15.30 -18.61 6.63
N GLU C 25 16.10 -18.74 7.68
CA GLU C 25 17.41 -19.37 7.57
C GLU C 25 17.33 -20.83 7.12
N THR C 26 16.36 -21.59 7.63
CA THR C 26 16.20 -22.98 7.20
C THR C 26 15.61 -23.14 5.80
N LEU C 27 14.75 -22.22 5.34
CA LEU C 27 14.26 -22.29 3.97
C LEU C 27 15.36 -22.10 2.92
N GLN C 28 16.24 -21.13 3.12
CA GLN C 28 17.37 -20.95 2.21
C GLN C 28 18.25 -22.19 2.15
N GLN C 29 18.45 -22.87 3.29
CA GLN C 29 19.25 -24.09 3.31
C GLN C 29 18.61 -25.22 2.51
N LEU C 30 17.28 -25.26 2.41
CA LEU C 30 16.63 -26.20 1.50
C LEU C 30 16.73 -25.78 0.04
N GLY C 31 17.04 -24.52 -0.24
CA GLY C 31 17.24 -24.05 -1.60
C GLY C 31 16.13 -23.19 -2.19
N VAL C 32 15.17 -22.74 -1.39
CA VAL C 32 14.18 -21.77 -1.84
C VAL C 32 14.83 -20.40 -1.94
N ASN C 33 14.54 -19.67 -3.01
CA ASN C 33 14.97 -18.28 -3.16
C ASN C 33 13.90 -17.37 -2.56
N VAL C 34 14.24 -16.67 -1.48
CA VAL C 34 13.26 -16.05 -0.59
C VAL C 34 13.49 -14.54 -0.57
N TRP C 35 12.39 -13.79 -0.46
CA TRP C 35 12.42 -12.34 -0.21
C TRP C 35 12.21 -12.11 1.28
N TYR C 36 13.24 -11.58 1.95
CA TYR C 36 13.19 -11.27 3.37
C TYR C 36 13.89 -9.94 3.60
N ASP C 37 13.28 -9.08 4.41
CA ASP C 37 13.65 -7.66 4.50
C ASP C 37 15.07 -7.44 5.01
N GLU C 38 15.56 -8.27 5.92
CA GLU C 38 16.94 -8.15 6.38
C GLU C 38 17.96 -8.55 5.31
N PHE C 39 17.56 -9.32 4.30
CA PHE C 39 18.45 -9.68 3.21
C PHE C 39 18.42 -8.70 2.04
N THR C 40 17.30 -8.00 1.81
CA THR C 40 17.10 -7.23 0.59
C THR C 40 17.26 -5.71 0.76
N LEU C 41 16.73 -5.11 1.82
CA LEU C 41 16.68 -3.65 1.94
C LEU C 41 17.99 -3.08 2.45
N LYS C 42 18.43 -1.98 1.84
CA LYS C 42 19.69 -1.33 2.18
C LYS C 42 19.52 0.18 2.24
N VAL C 43 20.50 0.82 2.88
CA VAL C 43 20.49 2.27 3.09
C VAL C 43 20.28 3.00 1.76
N GLY C 44 19.36 3.97 1.77
CA GLY C 44 18.98 4.74 0.62
C GLY C 44 17.90 4.16 -0.27
N ASP C 45 17.47 2.93 -0.04
CA ASP C 45 16.36 2.38 -0.82
C ASP C 45 15.04 3.07 -0.48
N SER C 46 14.18 3.18 -1.49
CA SER C 46 12.77 3.54 -1.28
C SER C 46 12.01 2.31 -0.79
N LEU C 47 11.36 2.44 0.37
CA LEU C 47 10.53 1.37 0.91
C LEU C 47 9.37 1.00 0.01
N ARG C 48 8.61 1.99 -0.46
CA ARG C 48 7.48 1.74 -1.34
C ARG C 48 7.88 0.94 -2.58
N GLN C 49 8.86 1.43 -3.34
CA GLN C 49 9.17 0.86 -4.64
C GLN C 49 9.85 -0.51 -4.55
N LYS C 50 10.63 -0.77 -3.50
CA LYS C 50 11.23 -2.09 -3.31
C LYS C 50 10.22 -3.15 -2.85
N ILE C 51 9.29 -2.79 -1.97
CA ILE C 51 8.25 -3.73 -1.56
C ILE C 51 7.30 -4.06 -2.71
N ASP C 52 6.90 -3.06 -3.50
CA ASP C 52 6.00 -3.33 -4.63
C ASP C 52 6.59 -4.30 -5.64
N SER C 53 7.86 -4.17 -5.99
CA SER C 53 8.48 -5.11 -6.92
C SER C 53 8.76 -6.48 -6.30
N GLY C 54 8.93 -6.57 -4.98
CA GLY C 54 8.98 -7.88 -4.35
C GLY C 54 7.66 -8.63 -4.38
N LEU C 55 6.55 -7.92 -4.13
CA LEU C 55 5.23 -8.55 -4.22
C LEU C 55 4.91 -9.02 -5.62
N ARG C 56 5.26 -8.24 -6.63
CA ARG C 56 4.91 -8.55 -8.02
C ARG C 56 5.75 -9.65 -8.66
N ASN C 57 6.96 -9.92 -8.16
CA ASN C 57 7.87 -10.86 -8.82
C ASN C 57 8.04 -12.17 -8.07
N SER C 58 7.20 -12.47 -7.09
CA SER C 58 7.29 -13.72 -6.32
C SER C 58 6.21 -14.69 -6.75
N LYS C 59 6.57 -15.98 -6.84
CA LYS C 59 5.60 -17.03 -7.14
C LYS C 59 4.59 -17.22 -6.02
N TYR C 60 5.03 -17.23 -4.76
CA TYR C 60 4.17 -17.48 -3.62
C TYR C 60 4.40 -16.44 -2.53
N GLY C 61 3.45 -16.37 -1.60
CA GLY C 61 3.57 -15.54 -0.40
C GLY C 61 3.07 -16.23 0.84
N THR C 62 3.79 -16.10 1.96
CA THR C 62 3.36 -16.61 3.26
C THR C 62 3.12 -15.47 4.24
N VAL C 63 2.08 -15.63 5.07
CA VAL C 63 1.64 -14.61 6.01
C VAL C 63 1.60 -15.25 7.40
N VAL C 64 2.27 -14.63 8.37
CA VAL C 64 2.35 -15.16 9.73
C VAL C 64 1.33 -14.42 10.58
N LEU C 65 0.15 -15.01 10.73
CA LEU C 65 -0.94 -14.43 11.49
C LEU C 65 -0.67 -14.47 12.99
N SER C 66 -0.88 -13.33 13.64
CA SER C 66 -0.44 -13.10 15.01
C SER C 66 -1.21 -11.90 15.54
N THR C 67 -1.28 -11.79 16.87
CA THR C 67 -1.99 -10.68 17.50
C THR C 67 -1.40 -9.32 17.12
N ASP C 68 -0.09 -9.24 16.94
CA ASP C 68 0.54 -7.99 16.51
C ASP C 68 0.40 -7.74 15.02
N PHE C 69 0.36 -8.80 14.21
CA PHE C 69 0.19 -8.65 12.76
C PHE C 69 -1.09 -7.88 12.43
N ILE C 70 -2.16 -8.14 13.18
CA ILE C 70 -3.47 -7.57 12.91
C ILE C 70 -3.48 -6.05 13.11
N LYS C 71 -2.80 -5.55 14.14
CA LYS C 71 -2.87 -4.13 14.50
C LYS C 71 -2.06 -3.22 13.58
N LYS C 72 -0.89 -3.66 13.14
CA LYS C 72 0.09 -2.78 12.51
C LYS C 72 -0.27 -2.44 11.05
N ASP C 73 0.38 -1.38 10.55
CA ASP C 73 0.07 -0.80 9.23
C ASP C 73 0.73 -1.54 8.06
N TRP C 74 2.06 -1.72 8.09
CA TRP C 74 2.75 -2.31 6.94
C TRP C 74 2.36 -3.75 6.70
N THR C 75 1.95 -4.49 7.73
CA THR C 75 1.46 -5.84 7.55
C THR C 75 0.15 -5.89 6.76
N ASN C 76 -0.77 -4.97 7.02
CA ASN C 76 -2.00 -4.86 6.24
C ASN C 76 -1.77 -4.35 4.82
N TYR C 77 -0.78 -3.48 4.62
CA TYR C 77 -0.38 -3.06 3.27
C TYR C 77 0.02 -4.23 2.39
N GLU C 78 0.86 -5.13 2.90
CA GLU C 78 1.31 -6.30 2.14
C GLU C 78 0.18 -7.28 1.80
N LEU C 79 -0.71 -7.56 2.76
CA LEU C 79 -1.80 -8.51 2.50
C LEU C 79 -2.84 -7.98 1.52
N ASP C 80 -3.09 -6.67 1.48
CA ASP C 80 -3.91 -6.08 0.42
C ASP C 80 -3.36 -6.38 -0.97
N GLY C 81 -2.05 -6.29 -1.15
CA GLY C 81 -1.45 -6.55 -2.46
C GLY C 81 -1.48 -8.01 -2.89
N LEU C 82 -1.30 -8.93 -1.95
CA LEU C 82 -1.41 -10.37 -2.24
C LEU C 82 -2.81 -10.79 -2.68
N VAL C 83 -3.85 -10.31 -2.01
CA VAL C 83 -5.22 -10.65 -2.39
C VAL C 83 -5.59 -10.03 -3.74
N ALA C 84 -5.13 -8.82 -4.03
CA ALA C 84 -5.39 -8.22 -5.33
C ALA C 84 -4.84 -9.05 -6.49
N ARG C 85 -3.65 -9.60 -6.34
CA ARG C 85 -3.08 -10.43 -7.40
C ARG C 85 -3.77 -11.79 -7.50
N GLU C 86 -4.21 -12.34 -6.37
CA GLU C 86 -4.97 -13.58 -6.37
C GLU C 86 -6.37 -13.43 -6.97
N MET C 87 -7.05 -12.30 -6.75
CA MET C 87 -8.33 -12.05 -7.41
C MET C 87 -8.23 -11.74 -8.89
N ASN C 88 -7.02 -11.75 -9.46
CA ASN C 88 -6.85 -11.70 -10.90
C ASN C 88 -6.56 -13.07 -11.51
N GLY C 89 -6.55 -14.12 -10.68
CA GLY C 89 -6.45 -15.50 -11.17
C GLY C 89 -5.20 -16.25 -10.75
N HIS C 90 -4.31 -15.70 -9.94
CA HIS C 90 -3.04 -16.33 -9.57
C HIS C 90 -3.03 -16.68 -8.08
N LYS C 91 -3.21 -17.97 -7.76
CA LYS C 91 -3.22 -18.43 -6.37
C LYS C 91 -1.83 -18.35 -5.73
N MET C 92 -1.76 -17.80 -4.50
CA MET C 92 -0.47 -17.50 -3.87
C MET C 92 -0.35 -17.86 -2.38
N ILE C 93 -1.40 -17.60 -1.60
CA ILE C 93 -1.27 -17.40 -0.15
C ILE C 93 -1.14 -18.74 0.59
N LEU C 94 -0.13 -18.83 1.46
CA LEU C 94 0.14 -19.98 2.33
C LEU C 94 0.15 -19.55 3.80
N PRO C 95 -0.96 -19.69 4.55
CA PRO C 95 -1.04 -19.12 5.90
C PRO C 95 -0.45 -19.94 7.04
N ILE C 96 0.06 -19.21 8.05
CA ILE C 96 0.58 -19.77 9.30
C ILE C 96 -0.14 -19.10 10.48
N TRP C 97 -0.57 -19.89 11.47
CA TRP C 97 -1.21 -19.39 12.69
C TRP C 97 -0.23 -19.47 13.85
N HIS C 98 0.08 -18.33 14.47
CA HIS C 98 1.07 -18.23 15.54
C HIS C 98 0.44 -17.62 16.79
N LYS C 99 0.36 -18.41 17.86
CA LYS C 99 -0.23 -18.00 19.14
C LYS C 99 -1.67 -17.48 19.01
N ILE C 100 -2.41 -17.93 18.01
CA ILE C 100 -3.74 -17.38 17.73
C ILE C 100 -4.70 -18.54 17.48
N THR C 101 -5.96 -18.36 17.87
CA THR C 101 -7.00 -19.38 17.74
C THR C 101 -7.91 -19.10 16.55
N LYS C 102 -8.71 -20.13 16.22
CA LYS C 102 -9.68 -20.04 15.13
C LYS C 102 -10.66 -18.88 15.29
N ASN C 103 -11.15 -18.66 16.51
CA ASN C 103 -12.08 -17.56 16.75
C ASN C 103 -11.47 -16.19 16.46
N ASP C 104 -10.22 -15.99 16.86
CA ASP C 104 -9.54 -14.72 16.59
C ASP C 104 -9.31 -14.49 15.11
N VAL C 105 -9.03 -15.55 14.36
CA VAL C 105 -8.92 -15.44 12.90
C VAL C 105 -10.27 -15.16 12.25
N LEU C 106 -11.31 -15.87 12.68
CA LEU C 106 -12.65 -15.65 12.14
C LEU C 106 -13.18 -14.24 12.42
N ASP C 107 -12.78 -13.64 13.54
CA ASP C 107 -13.10 -12.24 13.81
C ASP C 107 -12.26 -11.25 13.00
N TYR C 108 -11.10 -11.65 12.49
CA TYR C 108 -10.32 -10.78 11.63
C TYR C 108 -10.79 -10.86 10.18
N SER C 109 -10.88 -12.08 9.62
CA SER C 109 -11.53 -12.25 8.33
C SER C 109 -12.06 -13.68 8.20
N PRO C 110 -13.35 -13.85 7.87
CA PRO C 110 -13.91 -15.19 7.68
C PRO C 110 -13.42 -15.92 6.43
N ASN C 111 -12.86 -15.23 5.43
CA ASN C 111 -12.31 -15.92 4.27
C ASN C 111 -10.99 -16.62 4.56
N LEU C 112 -10.15 -16.08 5.45
CA LEU C 112 -8.92 -16.79 5.83
C LEU C 112 -9.19 -18.00 6.71
N ALA C 113 -10.28 -17.99 7.48
CA ALA C 113 -10.69 -19.17 8.23
C ALA C 113 -11.06 -20.35 7.35
N ASP C 114 -11.29 -20.13 6.05
CA ASP C 114 -11.58 -21.20 5.11
C ASP C 114 -10.34 -21.90 4.56
N LYS C 115 -9.16 -21.29 4.70
CA LYS C 115 -7.94 -21.79 4.08
C LYS C 115 -7.10 -22.59 5.08
N VAL C 116 -6.59 -23.74 4.64
CA VAL C 116 -5.83 -24.63 5.50
C VAL C 116 -4.49 -24.00 5.87
N ALA C 117 -4.14 -24.05 7.17
CA ALA C 117 -3.01 -23.34 7.73
C ALA C 117 -2.14 -24.29 8.56
N LEU C 118 -0.89 -23.88 8.77
CA LEU C 118 0.03 -24.56 9.67
C LEU C 118 0.05 -23.87 11.03
N ASN C 119 -0.14 -24.64 12.10
CA ASN C 119 -0.28 -24.13 13.45
C ASN C 119 0.99 -24.40 14.24
N THR C 120 1.61 -23.34 14.79
CA THR C 120 2.90 -23.46 15.48
C THR C 120 2.80 -24.13 16.85
N SER C 121 1.60 -24.34 17.38
CA SER C 121 1.43 -25.14 18.59
C SER C 121 1.40 -26.63 18.30
N VAL C 122 1.36 -27.02 17.03
CA VAL C 122 1.27 -28.42 16.63
C VAL C 122 2.52 -28.89 15.90
N ASN C 123 3.20 -28.00 15.17
CA ASN C 123 4.37 -28.33 14.37
C ASN C 123 5.55 -27.48 14.79
N SER C 124 6.75 -28.04 14.62
CA SER C 124 8.00 -27.34 14.87
C SER C 124 8.45 -26.53 13.66
N ILE C 125 9.51 -25.74 13.86
CA ILE C 125 10.04 -24.89 12.79
C ILE C 125 10.47 -25.69 11.58
N GLU C 126 11.26 -26.75 11.78
CA GLU C 126 11.71 -27.57 10.66
C GLU C 126 10.61 -28.43 10.08
N GLU C 127 9.63 -28.81 10.90
CA GLU C 127 8.47 -29.52 10.39
C GLU C 127 7.58 -28.63 9.52
N ILE C 128 7.48 -27.34 9.86
CA ILE C 128 6.80 -26.37 8.99
C ILE C 128 7.61 -26.07 7.74
N ALA C 129 8.92 -25.90 7.85
CA ALA C 129 9.75 -25.62 6.68
C ALA C 129 9.71 -26.74 5.63
N HIS C 130 9.74 -27.99 6.07
CA HIS C 130 9.61 -29.11 5.15
C HIS C 130 8.26 -29.12 4.42
N GLN C 131 7.19 -28.73 5.11
CA GLN C 131 5.87 -28.66 4.47
C GLN C 131 5.79 -27.59 3.40
N LEU C 132 6.38 -26.41 3.63
CA LEU C 132 6.35 -25.34 2.63
C LEU C 132 7.09 -25.70 1.36
N ALA C 133 8.32 -26.21 1.50
CA ALA C 133 9.14 -26.55 0.33
C ALA C 133 8.52 -27.61 -0.56
N ASP C 134 7.72 -28.52 0.00
CA ASP C 134 7.02 -29.51 -0.83
C ASP C 134 6.00 -28.89 -1.77
N VAL C 135 5.44 -27.72 -1.43
CA VAL C 135 4.55 -27.03 -2.37
C VAL C 135 5.35 -26.18 -3.34
N ILE C 136 6.32 -25.41 -2.85
CA ILE C 136 7.01 -24.45 -3.71
C ILE C 136 7.86 -25.16 -4.75
N LEU C 137 8.64 -26.15 -4.33
CA LEU C 137 9.59 -26.78 -5.24
C LEU C 137 8.90 -27.83 -6.11
N GLU D 4 36.10 12.57 -9.44
CA GLU D 4 37.13 12.34 -8.38
C GLU D 4 36.56 11.82 -7.06
N TYR D 5 35.82 12.67 -6.34
CA TYR D 5 35.37 12.29 -5.01
C TYR D 5 34.31 11.20 -5.08
N ASP D 6 34.37 10.28 -4.12
CA ASP D 6 33.35 9.25 -3.97
C ASP D 6 32.16 9.73 -3.15
N LEU D 7 32.40 10.47 -2.05
CA LEU D 7 31.34 10.86 -1.14
C LEU D 7 31.49 12.31 -0.71
N PHE D 8 30.37 13.03 -0.67
CA PHE D 8 30.26 14.36 -0.09
C PHE D 8 29.55 14.26 1.26
N ILE D 9 30.12 14.86 2.31
CA ILE D 9 29.55 14.85 3.65
C ILE D 9 28.92 16.21 3.96
N SER D 10 27.61 16.20 4.23
CA SER D 10 26.86 17.41 4.60
C SER D 10 26.39 17.30 6.04
N HIS D 11 26.76 18.27 6.88
CA HIS D 11 26.53 18.19 8.32
C HIS D 11 26.47 19.59 8.91
N ALA D 12 25.90 19.68 10.13
CA ALA D 12 25.96 20.90 10.93
C ALA D 12 27.22 20.93 11.80
N SER D 13 27.80 22.13 11.93
CA SER D 13 29.02 22.32 12.71
C SER D 13 28.87 22.02 14.19
N GLU D 14 27.65 21.97 14.73
CA GLU D 14 27.47 21.55 16.12
C GLU D 14 27.73 20.07 16.35
N ASP D 15 27.80 19.27 15.30
CA ASP D 15 27.97 17.82 15.41
C ASP D 15 29.37 17.33 15.09
N LYS D 16 30.33 18.23 14.86
CA LYS D 16 31.66 17.81 14.42
C LYS D 16 32.35 16.90 15.42
N GLU D 17 32.43 17.30 16.70
CA GLU D 17 33.43 16.67 17.57
C GLU D 17 32.99 15.31 18.10
N ASP D 18 31.71 15.13 18.41
CA ASP D 18 31.24 13.88 18.98
C ASP D 18 30.86 12.83 17.94
N PHE D 19 30.80 13.18 16.66
CA PHE D 19 30.34 12.23 15.67
C PHE D 19 31.04 12.36 14.31
N VAL D 20 31.00 13.53 13.68
CA VAL D 20 31.37 13.61 12.27
C VAL D 20 32.88 13.54 12.05
N ARG D 21 33.68 14.14 12.91
CA ARG D 21 35.13 14.00 12.74
C ARG D 21 35.60 12.56 12.84
N PRO D 22 35.24 11.78 13.86
CA PRO D 22 35.54 10.34 13.84
C PRO D 22 35.03 9.56 12.63
N LEU D 23 33.84 9.88 12.13
CA LEU D 23 33.32 9.20 10.93
C LEU D 23 34.18 9.44 9.69
N ALA D 24 34.47 10.69 9.36
CA ALA D 24 35.26 11.01 8.17
C ALA D 24 36.66 10.41 8.24
N GLU D 25 37.29 10.44 9.41
CA GLU D 25 38.60 9.84 9.60
C GLU D 25 38.62 8.34 9.35
N THR D 26 37.60 7.61 9.81
CA THR D 26 37.52 6.18 9.56
C THR D 26 37.18 5.81 8.12
N LEU D 27 36.35 6.60 7.43
CA LEU D 27 36.07 6.35 6.02
C LEU D 27 37.32 6.45 5.14
N GLN D 28 38.17 7.45 5.37
CA GLN D 28 39.43 7.54 4.64
C GLN D 28 40.32 6.32 4.88
N GLN D 29 40.36 5.83 6.11
CA GLN D 29 41.16 4.64 6.41
C GLN D 29 40.64 3.40 5.70
N LEU D 30 39.34 3.32 5.40
CA LEU D 30 38.85 2.26 4.53
C LEU D 30 39.20 2.48 3.06
N GLY D 31 39.50 3.71 2.65
CA GLY D 31 39.91 4.01 1.29
C GLY D 31 38.91 4.77 0.43
N VAL D 32 37.85 5.31 0.99
CA VAL D 32 36.92 6.18 0.26
C VAL D 32 37.57 7.55 0.09
N ASN D 33 37.51 8.10 -1.12
CA ASN D 33 37.92 9.48 -1.38
C ASN D 33 36.77 10.42 -1.07
N VAL D 34 36.93 11.24 -0.03
CA VAL D 34 35.83 11.95 0.62
C VAL D 34 36.03 13.46 0.46
N TRP D 35 34.93 14.19 0.25
CA TRP D 35 34.90 15.65 0.32
C TRP D 35 34.45 16.07 1.72
N TYR D 36 35.37 16.68 2.48
CA TYR D 36 35.09 17.18 3.81
C TYR D 36 35.74 18.54 3.96
N ASP D 37 35.00 19.49 4.55
CA ASP D 37 35.34 20.92 4.48
C ASP D 37 36.68 21.25 5.17
N GLU D 38 36.97 20.59 6.29
CA GLU D 38 38.27 20.79 6.93
C GLU D 38 39.45 20.27 6.12
N PHE D 39 39.21 19.42 5.13
CA PHE D 39 40.28 18.95 4.25
C PHE D 39 40.43 19.78 2.98
N THR D 40 39.34 20.37 2.46
CA THR D 40 39.34 20.97 1.14
C THR D 40 39.44 22.50 1.12
N LEU D 41 38.79 23.21 2.04
CA LEU D 41 38.71 24.67 1.97
C LEU D 41 39.92 25.34 2.60
N LYS D 42 40.46 26.34 1.91
CA LYS D 42 41.65 27.05 2.35
C LYS D 42 41.46 28.57 2.19
N VAL D 43 42.33 29.31 2.86
CA VAL D 43 42.26 30.77 2.88
C VAL D 43 42.25 31.33 1.46
N GLY D 44 41.33 32.26 1.20
CA GLY D 44 41.13 32.88 -0.09
C GLY D 44 40.20 32.16 -1.05
N ASP D 45 39.74 30.95 -0.75
CA ASP D 45 38.81 30.27 -1.62
C ASP D 45 37.44 30.94 -1.60
N SER D 46 36.75 30.85 -2.73
CA SER D 46 35.32 31.19 -2.82
C SER D 46 34.47 30.04 -2.30
N LEU D 47 33.69 30.30 -1.25
CA LEU D 47 32.78 29.29 -0.71
C LEU D 47 31.78 28.79 -1.73
N ARG D 48 31.13 29.70 -2.45
CA ARG D 48 30.13 29.33 -3.45
C ARG D 48 30.68 28.38 -4.51
N GLN D 49 31.78 28.77 -5.16
CA GLN D 49 32.35 28.01 -6.28
C GLN D 49 32.97 26.68 -5.86
N LYS D 50 33.58 26.61 -4.67
CA LYS D 50 34.13 25.35 -4.19
C LYS D 50 33.07 24.34 -3.78
N ILE D 51 32.00 24.79 -3.14
CA ILE D 51 30.89 23.89 -2.81
C ILE D 51 30.16 23.41 -4.06
N ASP D 52 29.89 24.29 -5.01
CA ASP D 52 29.22 23.89 -6.25
C ASP D 52 29.97 22.79 -7.01
N SER D 53 31.29 22.92 -7.17
CA SER D 53 32.04 21.87 -7.85
C SER D 53 32.22 20.60 -7.03
N GLY D 54 32.18 20.69 -5.70
CA GLY D 54 32.16 19.47 -4.90
C GLY D 54 30.87 18.67 -5.02
N LEU D 55 29.73 19.36 -5.03
CA LEU D 55 28.44 18.70 -5.24
C LEU D 55 28.35 18.03 -6.61
N ARG D 56 28.84 18.69 -7.65
CA ARG D 56 28.70 18.19 -9.01
C ARG D 56 29.65 17.05 -9.35
N ASN D 57 30.78 16.91 -8.67
CA ASN D 57 31.78 15.89 -9.03
C ASN D 57 31.83 14.71 -8.07
N SER D 58 30.84 14.53 -7.21
CA SER D 58 30.80 13.40 -6.29
C SER D 58 29.80 12.34 -6.76
N LYS D 59 30.19 11.07 -6.64
CA LYS D 59 29.29 9.95 -6.94
C LYS D 59 28.12 9.87 -5.98
N TYR D 60 28.38 10.01 -4.67
CA TYR D 60 27.34 9.89 -3.66
C TYR D 60 27.40 11.08 -2.70
N GLY D 61 26.32 11.26 -1.94
CA GLY D 61 26.25 12.22 -0.85
C GLY D 61 25.54 11.69 0.38
N THR D 62 26.05 12.01 1.58
CA THR D 62 25.41 11.64 2.83
C THR D 62 24.99 12.87 3.61
N VAL D 63 23.83 12.81 4.25
CA VAL D 63 23.25 13.91 5.00
C VAL D 63 22.99 13.45 6.44
N VAL D 64 23.54 14.18 7.41
CA VAL D 64 23.42 13.85 8.82
C VAL D 64 22.28 14.67 9.41
N LEU D 65 21.09 14.09 9.42
CA LEU D 65 19.89 14.78 9.89
C LEU D 65 19.86 14.91 11.41
N SER D 66 19.55 16.13 11.87
CA SER D 66 19.77 16.53 13.25
C SER D 66 18.91 17.77 13.50
N THR D 67 18.67 18.05 14.78
CA THR D 67 17.86 19.21 15.15
C THR D 67 18.49 20.53 14.70
N ASP D 68 19.82 20.62 14.72
CA ASP D 68 20.50 21.81 14.23
C ASP D 68 20.59 21.86 12.72
N PHE D 69 20.66 20.70 12.06
CA PHE D 69 20.70 20.66 10.60
C PHE D 69 19.48 21.34 9.98
N ILE D 70 18.31 21.14 10.58
CA ILE D 70 17.06 21.63 10.03
C ILE D 70 16.99 23.15 10.04
N LYS D 71 17.54 23.80 11.07
CA LYS D 71 17.42 25.24 11.25
C LYS D 71 18.35 26.07 10.37
N LYS D 72 19.56 25.58 10.08
CA LYS D 72 20.61 26.42 9.52
C LYS D 72 20.48 26.60 8.01
N ASP D 73 21.21 27.59 7.48
CA ASP D 73 21.12 27.99 6.07
C ASP D 73 21.96 27.13 5.13
N TRP D 74 23.26 26.98 5.39
CA TRP D 74 24.15 26.26 4.47
C TRP D 74 23.79 24.79 4.36
N THR D 75 23.23 24.19 5.40
CA THR D 75 22.79 22.81 5.33
C THR D 75 21.62 22.62 4.36
N ASN D 76 20.67 23.55 4.36
CA ASN D 76 19.57 23.53 3.39
C ASN D 76 20.01 23.86 1.97
N TYR D 77 21.03 24.70 1.80
CA TYR D 77 21.63 24.93 0.49
C TYR D 77 22.17 23.66 -0.15
N GLU D 78 22.93 22.86 0.60
CA GLU D 78 23.51 21.62 0.09
C GLU D 78 22.45 20.57 -0.27
N LEU D 79 21.44 20.38 0.58
CA LEU D 79 20.41 19.38 0.28
C LEU D 79 19.53 19.76 -0.90
N ASP D 80 19.28 21.05 -1.11
CA ASP D 80 18.57 21.51 -2.30
C ASP D 80 19.30 21.15 -3.60
N GLY D 81 20.64 21.20 -3.59
CA GLY D 81 21.43 20.81 -4.74
C GLY D 81 21.52 19.31 -5.00
N LEU D 82 21.53 18.49 -3.95
CA LEU D 82 21.52 17.04 -4.09
C LEU D 82 20.23 16.51 -4.68
N VAL D 83 19.08 17.01 -4.23
CA VAL D 83 17.81 16.56 -4.79
C VAL D 83 17.66 16.99 -6.25
N ALA D 84 18.16 18.17 -6.62
CA ALA D 84 18.09 18.61 -8.01
C ALA D 84 18.81 17.65 -8.95
N ARG D 85 19.97 17.13 -8.55
CA ARG D 85 20.71 16.21 -9.40
C ARG D 85 20.07 14.83 -9.44
N GLU D 86 19.44 14.41 -8.35
CA GLU D 86 18.70 13.15 -8.29
C GLU D 86 17.41 13.18 -9.11
N MET D 87 16.69 14.31 -9.15
CA MET D 87 15.53 14.45 -10.03
C MET D 87 15.87 14.58 -11.50
N ASN D 88 17.14 14.55 -11.87
CA ASN D 88 17.55 14.45 -13.26
C ASN D 88 17.93 13.03 -13.65
N GLY D 89 17.89 12.08 -12.70
CA GLY D 89 18.05 10.67 -12.99
C GLY D 89 19.19 9.97 -12.28
N HIS D 90 19.97 10.64 -11.42
CA HIS D 90 21.15 10.06 -10.79
C HIS D 90 20.93 9.93 -9.28
N LYS D 91 20.76 8.69 -8.80
CA LYS D 91 20.53 8.43 -7.37
C LYS D 91 21.79 8.65 -6.54
N MET D 92 21.66 9.34 -5.40
CA MET D 92 22.82 9.75 -4.61
C MET D 92 22.70 9.59 -3.10
N ILE D 93 21.53 9.91 -2.53
CA ILE D 93 21.40 10.29 -1.12
C ILE D 93 21.41 9.07 -0.20
N LEU D 94 22.30 9.10 0.80
CA LEU D 94 22.44 8.08 1.85
C LEU D 94 22.20 8.68 3.23
N PRO D 95 21.00 8.60 3.79
CA PRO D 95 20.68 9.36 5.02
C PRO D 95 21.08 8.69 6.35
N ILE D 96 21.39 9.56 7.32
CA ILE D 96 21.71 9.18 8.71
C ILE D 96 20.81 9.98 9.66
N TRP D 97 20.27 9.32 10.68
CA TRP D 97 19.45 9.96 11.71
C TRP D 97 20.22 10.05 13.02
N HIS D 98 20.43 11.27 13.52
CA HIS D 98 21.22 11.53 14.71
C HIS D 98 20.41 12.29 15.76
N LYS D 99 20.17 11.65 16.90
CA LYS D 99 19.36 12.20 17.99
C LYS D 99 17.95 12.64 17.57
N ILE D 100 17.37 12.05 16.52
CA ILE D 100 16.10 12.52 15.97
C ILE D 100 15.21 11.32 15.73
N THR D 101 13.89 11.53 15.90
CA THR D 101 12.90 10.48 15.74
C THR D 101 12.18 10.56 14.39
N LYS D 102 11.48 9.48 14.07
CA LYS D 102 10.70 9.39 12.84
C LYS D 102 9.68 10.52 12.70
N ASN D 103 9.02 10.90 13.79
CA ASN D 103 8.03 11.98 13.73
C ASN D 103 8.66 13.32 13.40
N ASP D 104 9.84 13.61 13.95
CA ASP D 104 10.53 14.84 13.62
C ASP D 104 11.00 14.89 12.17
N VAL D 105 11.42 13.75 11.62
CA VAL D 105 11.76 13.67 10.20
C VAL D 105 10.53 13.83 9.30
N LEU D 106 9.44 13.17 9.65
CA LEU D 106 8.20 13.28 8.87
C LEU D 106 7.62 14.69 8.90
N ASP D 107 7.82 15.43 9.99
CA ASP D 107 7.45 16.84 10.02
C ASP D 107 8.39 17.74 9.21
N TYR D 108 9.63 17.33 8.99
CA TYR D 108 10.54 18.11 8.14
C TYR D 108 10.30 17.83 6.66
N SER D 109 10.30 16.56 6.26
CA SER D 109 9.83 16.20 4.93
C SER D 109 9.35 14.76 4.90
N PRO D 110 8.15 14.50 4.38
CA PRO D 110 7.66 13.11 4.29
C PRO D 110 8.35 12.25 3.25
N ASN D 111 9.03 12.82 2.25
CA ASN D 111 9.76 12.00 1.28
C ASN D 111 11.01 11.37 1.87
N LEU D 112 11.72 12.06 2.76
CA LEU D 112 12.88 11.45 3.42
C LEU D 112 12.49 10.34 4.39
N ALA D 113 11.29 10.41 4.96
CA ALA D 113 10.80 9.32 5.80
C ALA D 113 10.56 8.01 5.04
N ASP D 114 10.49 8.06 3.71
CA ASP D 114 10.40 6.86 2.89
C ASP D 114 11.74 6.17 2.64
N LYS D 115 12.86 6.83 2.92
CA LYS D 115 14.20 6.33 2.58
C LYS D 115 14.86 5.69 3.79
N VAL D 116 15.43 4.49 3.60
CA VAL D 116 16.04 3.73 4.68
C VAL D 116 17.30 4.45 5.17
N ALA D 117 17.35 4.73 6.47
CA ALA D 117 18.44 5.47 7.11
C ALA D 117 19.17 4.60 8.14
N LEU D 118 20.39 5.04 8.49
CA LEU D 118 21.15 4.49 9.61
C LEU D 118 20.93 5.35 10.86
N ASN D 119 20.60 4.71 11.98
CA ASN D 119 20.25 5.40 13.22
C ASN D 119 21.40 5.25 14.21
N THR D 120 21.93 6.38 14.71
CA THR D 120 23.08 6.37 15.60
C THR D 120 22.78 5.89 17.01
N SER D 121 21.51 5.72 17.38
CA SER D 121 21.15 5.09 18.64
C SER D 121 21.14 3.57 18.55
N VAL D 122 21.33 3.00 17.36
CA VAL D 122 21.30 1.56 17.16
C VAL D 122 22.67 1.07 16.71
N ASN D 123 23.41 1.88 15.96
CA ASN D 123 24.70 1.50 15.40
C ASN D 123 25.80 2.44 15.87
N SER D 124 27.00 1.88 16.02
CA SER D 124 28.19 2.63 16.38
C SER D 124 28.83 3.29 15.16
N ILE D 125 29.86 4.10 15.41
CA ILE D 125 30.54 4.83 14.34
C ILE D 125 31.15 3.89 13.32
N GLU D 126 31.97 2.93 13.76
CA GLU D 126 32.59 2.00 12.83
C GLU D 126 31.61 1.02 12.22
N GLU D 127 30.53 0.71 12.93
CA GLU D 127 29.47 -0.11 12.36
C GLU D 127 28.72 0.62 11.24
N ILE D 128 28.50 1.91 11.39
CA ILE D 128 27.96 2.74 10.31
C ILE D 128 28.95 2.90 9.15
N ALA D 129 30.24 3.13 9.45
CA ALA D 129 31.24 3.29 8.40
C ALA D 129 31.38 2.05 7.51
N HIS D 130 31.34 0.86 8.09
CA HIS D 130 31.37 -0.37 7.29
C HIS D 130 30.16 -0.50 6.38
N GLN D 131 28.97 -0.10 6.86
CA GLN D 131 27.77 -0.15 6.03
C GLN D 131 27.85 0.77 4.81
N LEU D 132 28.38 1.98 4.98
CA LEU D 132 28.51 2.91 3.86
C LEU D 132 29.47 2.42 2.78
N ALA D 133 30.67 1.99 3.17
CA ALA D 133 31.67 1.54 2.21
C ALA D 133 31.22 0.35 1.37
N ASP D 134 30.35 -0.51 1.91
CA ASP D 134 29.79 -1.60 1.10
C ASP D 134 28.95 -1.11 -0.07
N VAL D 135 28.33 0.06 0.03
CA VAL D 135 27.60 0.61 -1.11
C VAL D 135 28.53 1.34 -2.06
N ILE D 136 29.42 2.19 -1.54
CA ILE D 136 30.23 3.04 -2.39
C ILE D 136 31.23 2.22 -3.20
N LEU D 137 31.95 1.33 -2.53
CA LEU D 137 33.03 0.61 -3.19
C LEU D 137 32.52 -0.55 -4.02
C8 1O4 E . -13.44 -3.88 -13.10
C5 1O4 E . -16.46 -5.06 -11.60
C6 1O4 E . -15.69 -3.91 -12.22
N6 1O4 E . -18.24 -2.25 -6.66
N1 1O4 E . -10.86 -3.17 -9.72
C2 1O4 E . -20.25 -7.86 -5.68
N3 1O4 E . -11.17 0.44 -8.97
C4 1O4 E . -19.07 -8.34 -7.87
N 1O4 E . -12.56 -2.65 -11.11
C 1O4 E . -17.96 -7.20 -5.19
O 1O4 E . -18.08 -9.21 -8.46
C1 1O4 E . -19.41 -6.84 -4.87
C10 1O4 E . -11.72 -3.62 -10.60
C11 1O4 E . -11.16 -1.82 -9.62
C12 1O4 E . -12.19 -1.48 -10.49
C13 1O4 E . -12.12 0.63 -9.89
C14 1O4 E . -10.64 -0.80 -8.82
C15 1O4 E . -17.58 -5.07 -6.31
C16 1O4 E . -16.70 -4.14 -6.86
C17 1O4 E . -16.99 -2.73 -6.98
C18 1O4 E . -16.01 -1.86 -7.43
C19 1O4 E . -14.76 -2.32 -7.80
C20 1O4 E . -14.46 -3.65 -7.74
C21 1O4 E . -15.42 -4.58 -7.27
C22 1O4 E . -15.13 -5.97 -7.15
C23 1O4 E . -16.06 -6.81 -6.63
C3 1O4 E . -19.22 -8.71 -6.42
C7 1O4 E . -14.87 -4.30 -13.46
C9 1O4 E . -13.69 -2.86 -12.00
N2 1O4 E . -12.71 -0.27 -10.67
N4 1O4 E . -9.68 -0.97 -7.92
N5 1O4 E . -17.21 -6.34 -6.13
O1 1O4 E . -16.85 -7.91 -10.26
O10 1O4 E . -18.00 -8.50 -5.70
O11 1O4 E . -21.06 -8.68 -4.86
O12 1O4 E . -19.63 -6.99 -3.47
O2 1O4 E . -14.48 -8.26 -10.98
O3 1O4 E . -15.48 -6.04 -11.20
O4 1O4 E . -14.75 -3.42 -11.26
O5 1O4 E . -12.78 -3.28 -14.21
O6 1O4 E . -15.35 -3.59 -14.61
O7 1O4 E . -16.30 -7.87 -12.71
O8 1O4 E . -19.03 -9.02 -10.76
O9 1O4 E . -16.96 -10.42 -10.28
P 1O4 E . -17.77 -9.20 -10.01
P1 1O4 E . -15.74 -7.60 -11.36
H6 1O4 E . -12.85 -4.73 -12.76
H51 1O4 E . -17.16 -5.55 -12.29
H52 1O4 E . -17.02 -4.74 -10.73
H4 1O4 E . -16.37 -3.09 -12.43
HN62 1O4 E . -18.37 -1.26 -6.51
HN61 1O4 E . -19.07 -2.80 -6.55
H2 1O4 E . -20.89 -7.32 -6.38
H42 1O4 E . -20.00 -8.51 -8.42
H41 1O4 E . -18.81 -7.28 -7.99
H 1O4 E . -17.36 -7.25 -4.29
H1 1O4 E . -19.67 -5.82 -5.14
H10 1O4 E . -11.78 -4.66 -10.91
H13 1O4 E . -12.46 1.65 -9.99
H15 1O4 E . -18.60 -4.78 -6.02
H18 1O4 E . -16.21 -0.80 -7.50
H19 1O4 E . -14.01 -1.62 -8.13
H20 1O4 E . -13.48 -4.01 -8.05
H22 1O4 E . -14.16 -6.35 -7.49
H23 1O4 E . -15.88 -7.89 -6.60
H3 1O4 E . -19.45 -9.77 -6.32
H5 1O4 E . -14.92 -5.35 -13.69
H7 1O4 E . -14.03 -1.90 -12.38
HN41 1O4 E . -9.25 -0.17 -7.46
HN42 1O4 E . -9.35 -1.89 -7.66
HO11 1O4 E . -20.46 -9.12 -4.20
HO12 1O4 E . -19.51 -7.95 -3.25
HO5 1O4 E . -11.86 -3.04 -13.92
HO6 1O4 E . -14.56 -3.21 -15.06
C8 1O4 F . 11.27 21.61 -17.50
C5 1O4 F . 8.11 20.60 -16.30
C6 1O4 F . 8.90 21.69 -16.98
N6 1O4 F . 5.53 23.99 -12.19
N1 1O4 F . 13.32 22.80 -13.91
C2 1O4 F . 3.50 18.55 -10.72
N3 1O4 F . 12.93 26.47 -13.66
C4 1O4 F . 5.01 17.81 -12.63
N 1O4 F . 11.86 23.13 -15.59
C 1O4 F . 5.70 19.32 -10.01
O 1O4 F . 6.06 16.88 -12.94
C1 1O4 F . 4.20 19.68 -9.94
C10 1O4 F . 12.60 22.24 -14.85
C11 1O4 F . 13.01 24.14 -14.02
C12 1O4 F . 12.13 24.37 -15.06
C13 1O4 F . 12.10 26.53 -14.71
C14 1O4 F . 13.41 25.28 -13.28
C15 1O4 F . 6.19 21.28 -11.37
C16 1O4 F . 7.13 22.17 -11.88
C17 1O4 F . 6.83 23.53 -12.25
C18 1O4 F . 7.86 24.37 -12.64
C19 1O4 F . 9.17 23.92 -12.73
C20 1O4 F . 9.47 22.64 -12.43
C21 1O4 F . 8.47 21.73 -12.00
C22 1O4 F . 8.77 20.38 -11.65
C23 1O4 F . 7.79 19.59 -11.17
C3 1O4 F . 4.63 17.64 -11.18
C7 1O4 F . 9.89 21.18 -18.04
C9 1O4 F . 10.88 22.79 -16.63
N2 1O4 F . 11.64 25.53 -15.46
N4 1O4 F . 14.23 25.22 -12.22
N5 1O4 F . 6.56 20.06 -10.93
O1 1O4 F . 7.58 17.94 -14.64
O10 1O4 F . 5.74 17.96 -10.32
O11 1O4 F . 2.58 17.82 -9.92
O12 1O4 F . 3.79 19.70 -8.58
O2 1O4 F . 10.03 17.60 -14.96
O3 1O4 F . 9.04 19.73 -15.64
O4 1O4 F . 9.70 22.38 -15.99
O5 1O4 F . 12.13 22.01 -18.55
O6 1O4 F . 9.63 21.78 -19.30
O7 1O4 F . 8.49 17.69 -16.97
O8 1O4 F . 5.50 16.75 -15.36
O9 1O4 F . 7.44 15.46 -14.38
P 1O4 F . 6.63 16.68 -14.41
P1 1O4 F . 8.84 18.15 -15.61
H6 1O4 F . 11.75 20.81 -16.93
H51 1O4 F . 7.52 20.00 -16.99
H52 1O4 F . 7.42 21.02 -15.57
H4 1O4 F . 8.23 22.43 -17.40
HN62 1O4 F . 5.35 24.99 -12.23
HN61 1O4 F . 4.71 23.41 -12.13
H2 1O4 F . 2.97 18.99 -11.57
H42 1O4 F . 4.17 17.55 -13.28
H41 1O4 F . 5.28 18.84 -12.85
H 1O4 F . 6.16 19.41 -9.02
H1 1O4 F . 3.97 20.65 -10.37
H10 1O4 F . 12.59 21.17 -15.04
H13 1O4 F . 11.76 27.53 -14.97
H15 1O4 F . 5.13 21.55 -11.30
H18 1O4 F . 7.65 25.41 -12.89
H19 1O4 F . 9.94 24.62 -13.02
H20 1O4 F . 10.50 22.28 -12.54
H22 1O4 F . 9.78 20.02 -11.76
H23 1O4 F . 7.98 18.53 -10.97
H3 1O4 F . 4.39 16.59 -10.98
H5 1O4 F . 9.85 20.10 -18.17
H7 1O4 F . 10.65 23.69 -17.19
HN41 1O4 F . 14.67 26.04 -11.85
HN42 1O4 F . 14.41 24.34 -11.75
HO11 1O4 F . 3.08 17.47 -9.14
HO12 1O4 F . 3.88 18.79 -8.21
HO5 1O4 F . 12.99 22.31 -18.14
HO6 1O4 F . 10.50 22.07 -19.66
C8 1O4 G . 10.90 2.11 12.91
C5 1O4 G . 10.31 -1.30 12.04
C6 1O4 G . 11.30 -0.23 12.45
N6 1O4 G . 13.28 -3.41 7.32
N1 1O4 G . 10.98 4.10 9.08
C2 1O4 G . 8.19 -6.63 7.04
N3 1O4 G . 14.57 4.34 8.16
C4 1O4 G . 7.53 -5.16 9.02
N 1O4 G . 11.87 2.82 10.71
C 1O4 G . 8.34 -4.37 6.12
O 1O4 G . 6.50 -4.25 9.44
C1 1O4 G . 8.99 -5.76 6.03
C10 1O4 G . 10.75 3.34 10.12
C11 1O4 G . 12.37 4.05 8.94
C12 1O4 G . 12.93 3.28 9.95
C13 1O4 G . 14.96 3.63 9.22
C14 1O4 G . 13.25 4.59 8.00
C15 1O4 G . 10.38 -3.40 7.04
C16 1O4 G . 11.13 -2.27 7.36
C17 1O4 G . 12.56 -2.25 7.46
C18 1O4 G . 13.22 -1.06 7.67
C19 1O4 G . 12.53 0.13 7.82
C20 1O4 G . 11.17 0.15 7.80
C21 1O4 G . 10.43 -1.04 7.56
C22 1O4 G . 9.02 -1.05 7.48
C23 1O4 G . 8.37 -2.20 7.17
C3 1O4 G . 7.17 -5.66 7.64
C7 1O4 G . 10.79 0.71 13.54
C9 1O4 G . 11.92 1.87 11.81
N2 1O4 G . 14.22 3.04 10.15
N4 1O4 G . 12.87 5.31 6.94
N5 1O4 G . 9.06 -3.31 6.87
O1 1O4 G . 7.56 -2.45 10.90
O10 1O4 G . 7.09 -4.58 6.71
O11 1O4 G . 7.52 -7.71 6.40
O12 1O4 G . 8.86 -6.25 4.71
O2 1O4 G . 6.78 -0.09 11.23
O3 1O4 G . 9.15 -0.62 11.51
O4 1O4 G . 11.58 0.59 11.30
O5 1O4 G . 11.37 3.07 13.84
O6 1O4 G . 11.60 0.61 14.71
O7 1O4 G . 7.54 -1.48 13.22
O8 1O4 G . 6.87 -4.64 11.89
O9 1O4 G . 5.12 -3.01 11.01
P 1O4 G . 6.46 -3.62 10.91
P1 1O4 G . 7.67 -1.12 11.79
H6 1O4 G . 9.94 2.45 12.52
H51 1O4 G . 9.98 -1.93 12.86
H52 1O4 G . 10.72 -1.95 11.28
H4 1O4 G . 12.24 -0.70 12.73
HN62 1O4 G . 14.27 -3.37 7.13
HN61 1O4 G . 12.89 -4.34 7.39
H2 1O4 G . 8.86 -7.01 7.79
H42 1O4 G . 7.55 -5.98 9.74
H41 1O4 G . 8.52 -4.70 9.02
H 1O4 G . 8.14 -3.98 5.13
H1 1O4 G . 10.05 -5.76 6.28
H10 1O4 G . 9.74 3.15 10.50
H13 1O4 G . 16.04 3.51 9.31
H15 1O4 G . 10.85 -4.37 6.93
H18 1O4 G . 14.31 -1.02 7.70
H19 1O4 G . 13.08 1.05 7.99
H20 1O4 G . 10.63 1.08 7.95
H22 1O4 G . 8.46 -0.13 7.66
H23 1O4 G . 7.28 -2.24 7.17
H3 1O4 G . 6.18 -6.11 7.66
H5 1O4 G . 9.77 0.51 13.84
H7 1O4 G . 12.95 1.80 12.18
HN41 1O4 G . 13.54 5.79 6.37
HN42 1O4 G . 11.88 5.41 6.70
HO11 1O4 G . 6.95 -7.33 5.69
HO12 1O4 G . 7.90 -6.36 4.52
HO5 1O4 G . 11.52 3.92 13.35
HO6 1O4 G . 11.82 1.54 14.99
C8 1O4 H . 31.15 31.58 11.02
C5 1O4 H . 30.78 28.13 10.50
C6 1O4 H . 31.71 29.22 10.97
N6 1O4 H . 34.49 25.50 6.62
N1 1O4 H . 31.86 33.06 7.05
C2 1O4 H . 29.47 22.20 6.02
N3 1O4 H . 35.54 33.31 6.66
C4 1O4 H . 28.52 23.91 7.65
N 1O4 H . 32.50 32.06 8.96
C 1O4 H . 29.79 24.30 4.84
O 1O4 H . 27.44 24.85 7.79
C1 1O4 H . 30.43 22.91 5.04
C10 1O4 H . 31.47 32.46 8.14
C11 1O4 H . 33.24 33.04 7.13
C12 1O4 H . 33.65 32.44 8.32
C13 1O4 H . 35.78 32.73 7.84
C14 1O4 H . 34.26 33.49 6.27
C15 1O4 H . 31.67 25.43 5.90
C16 1O4 H . 32.36 26.61 6.19
C17 1O4 H . 33.75 26.67 6.51
C18 1O4 H . 34.37 27.88 6.68
C19 1O4 H . 33.65 29.07 6.57
C20 1O4 H . 32.32 29.05 6.32
C21 1O4 H . 31.63 27.83 6.13
C22 1O4 H . 30.25 27.77 5.83
C23 1O4 H . 29.65 26.58 5.60
C3 1O4 H . 28.37 23.21 6.32
C7 1O4 H . 31.04 30.29 11.85
C9 1O4 H . 32.38 31.27 10.18
N2 1O4 H . 34.91 32.26 8.73
N4 1O4 H . 34.03 34.06 5.09
N5 1O4 H . 30.39 25.45 5.52
O1 1O4 H . 28.24 26.84 9.14
O10 1O4 H . 28.46 24.15 5.22
O11 1O4 H . 28.90 21.02 5.47
O12 1O4 H . 30.50 22.24 3.79
O2 1O4 H . 27.43 29.20 9.03
O3 1O4 H . 29.72 28.76 9.75
O4 1O4 H . 32.23 29.92 9.82
O5 1O4 H . 31.38 32.71 11.85
O6 1O4 H . 31.72 30.41 13.10
O7 1O4 H . 27.85 28.09 11.28
O8 1O4 H . 27.47 24.75 10.29
O9 1O4 H . 25.81 26.20 9.01
P 1O4 H . 27.17 25.63 9.14
P1 1O4 H . 28.21 28.26 9.85
H6 1O4 H . 30.27 31.75 10.41
H51 1O4 H . 30.32 27.57 11.32
H52 1O4 H . 31.29 27.42 9.87
H4 1O4 H . 32.57 28.78 11.47
HN62 1O4 H . 35.50 25.55 6.59
HN61 1O4 H . 34.11 24.58 6.75
H2 1O4 H . 30.01 21.93 6.93
H42 1O4 H . 28.42 23.19 8.46
H41 1O4 H . 29.50 24.37 7.74
H 1O4 H . 29.76 24.55 3.77
H1 1O4 H . 31.43 22.97 5.45
H10 1O4 H . 30.42 32.30 8.40
H13 1O4 H . 36.83 32.64 8.10
H15 1O4 H . 32.15 24.45 5.97
H18 1O4 H . 35.43 27.94 6.90
H19 1O4 H . 34.18 30.02 6.70
H20 1O4 H . 31.75 29.99 6.26
H22 1O4 H . 29.66 28.69 5.80
H23 1O4 H . 28.57 26.51 5.47
H3 1O4 H . 27.38 22.76 6.23
H5 1O4 H . 30.00 30.06 12.06
H7 1O4 H . 33.32 31.34 10.73
HN41 1O4 H . 34.75 34.15 4.39
HN42 1O4 H . 33.11 34.40 4.85
HO11 1O4 H . 28.44 21.28 4.62
HO12 1O4 H . 29.57 22.07 3.48
HO5 1O4 H . 31.51 33.50 11.25
HO6 1O4 H . 31.83 31.37 13.27
#